data_4EMB
#
_entry.id   4EMB
#
_cell.length_a   77.320
_cell.length_b   116.750
_cell.length_c   84.410
_cell.angle_alpha   90.000
_cell.angle_beta   107.670
_cell.angle_gamma   90.000
#
_symmetry.space_group_name_H-M   'P 1 21 1'
#
loop_
_entity.id
_entity.type
_entity.pdbx_description
1 polymer '2,3-bisphosphoglycerate-dependent phosphoglycerate mutase'
2 non-polymer 1,2-ETHANEDIOL
3 non-polymer 'CHLORIDE ION'
4 water water
#
_entity_poly.entity_id   1
_entity_poly.type   'polypeptide(L)'
_entity_poly.pdbx_seq_one_letter_code
;(MSE)AHHHHHH(MSE)GTLEAQTQGPGS(MSE)LGDF(MSE)YKLVLVRHGESEWNKENLFTGWTDVKLSDKGIDEAVE
AGLLLKQEGYSFDIAFSSLLSRANDTLNIILRELGQSYISVKKTWRLNERHYGALQGLNKSETAAKYGEDKVLIWRRSYD
VPP(MSE)SLDESDDRHPIKDPRYKHIPKRELPSTECLKDTVARVIPYWTDEIAKEVLEGKKVIVAAHGNSLRALVKYFD
NLSEEDVLKLNIPTGIPLVYELDKDLNPIKHYYLGDESKIKKA(MSE)ESVASQGKLK
;
_entity_poly.pdbx_strand_id   A,B,C,D
#
# COMPACT_ATOMS: atom_id res chain seq x y z
N PHE A 26 4.29 34.72 19.91
CA PHE A 26 5.25 34.41 18.79
C PHE A 26 5.15 35.39 17.62
N TYR A 28 6.44 34.08 14.12
CA TYR A 28 6.34 33.29 12.88
C TYR A 28 6.07 31.83 13.17
N LYS A 29 5.39 31.18 12.24
CA LYS A 29 5.22 29.73 12.24
C LYS A 29 5.88 29.08 11.02
N LEU A 30 6.65 28.03 11.26
CA LEU A 30 7.26 27.22 10.22
C LEU A 30 6.76 25.80 10.37
N VAL A 31 6.34 25.19 9.27
CA VAL A 31 5.81 23.85 9.28
C VAL A 31 6.73 22.91 8.51
N LEU A 32 7.04 21.79 9.12
CA LEU A 32 7.92 20.77 8.57
C LEU A 32 7.14 19.50 8.48
N VAL A 33 7.35 18.73 7.43
CA VAL A 33 6.71 17.43 7.37
C VAL A 33 7.57 16.43 6.65
N ARG A 34 7.62 15.25 7.23
CA ARG A 34 8.34 14.15 6.65
C ARG A 34 7.39 13.30 5.84
N HIS A 35 7.82 12.86 4.68
CA HIS A 35 7.01 12.00 3.85
C HIS A 35 6.76 10.69 4.49
N GLY A 36 5.72 10.05 3.99
CA GLY A 36 5.27 8.77 4.47
C GLY A 36 6.01 7.61 3.84
N GLU A 37 5.48 6.42 4.10
CA GLU A 37 6.07 5.19 3.62
C GLU A 37 6.33 5.16 2.12
N SER A 38 7.49 4.63 1.76
CA SER A 38 7.92 4.42 0.39
C SER A 38 7.83 2.93 0.05
N GLU A 39 7.98 2.60 -1.22
CA GLU A 39 7.91 1.22 -1.70
C GLU A 39 9.05 0.33 -1.16
N TRP A 40 10.07 0.93 -0.56
CA TRP A 40 11.18 0.16 0.04
C TRP A 40 11.12 -0.01 1.53
N ASN A 41 10.20 0.67 2.22
CA ASN A 41 10.12 0.55 3.69
C ASN A 41 9.68 -0.88 4.15
N LYS A 42 8.90 -1.60 3.33
CA LYS A 42 8.41 -2.93 3.74
C LYS A 42 9.60 -3.91 3.87
N GLU A 43 10.43 -3.99 2.82
CA GLU A 43 11.65 -4.79 2.84
C GLU A 43 12.77 -4.13 3.64
N ASN A 44 12.54 -2.92 4.10
CA ASN A 44 13.47 -2.23 4.97
C ASN A 44 14.85 -1.98 4.32
N LEU A 45 14.84 -1.58 3.05
CA LEU A 45 16.06 -1.33 2.32
C LEU A 45 16.57 0.06 2.69
N PHE A 46 17.90 0.21 2.74
CA PHE A 46 18.49 1.53 2.88
C PHE A 46 18.18 2.31 1.57
N THR A 47 17.59 3.50 1.71
CA THR A 47 17.09 4.23 0.57
C THR A 47 18.01 5.35 0.18
N GLY A 48 18.17 6.29 1.09
CA GLY A 48 19.03 7.43 0.83
C GLY A 48 18.52 8.25 -0.34
N TRP A 49 19.41 8.48 -1.29
CA TRP A 49 19.12 9.24 -2.49
C TRP A 49 18.44 8.44 -3.56
N THR A 50 18.25 7.14 -3.33
CA THR A 50 17.56 6.33 -4.33
C THR A 50 16.14 6.93 -4.49
N ASP A 51 15.76 7.23 -5.72
CA ASP A 51 14.50 7.93 -5.96
C ASP A 51 13.30 6.98 -6.01
N VAL A 52 13.01 6.33 -4.89
CA VAL A 52 11.89 5.41 -4.83
C VAL A 52 10.55 6.19 -4.67
N LYS A 53 9.47 5.57 -5.12
CA LYS A 53 8.15 6.16 -5.00
C LYS A 53 7.56 5.93 -3.60
N LEU A 54 6.60 6.75 -3.26
CA LEU A 54 5.72 6.53 -2.12
C LEU A 54 4.92 5.26 -2.37
N SER A 55 4.65 4.51 -1.30
CA SER A 55 3.65 3.43 -1.36
C SER A 55 2.25 4.05 -1.25
N ASP A 56 1.22 3.22 -1.44
CA ASP A 56 -0.15 3.68 -1.31
C ASP A 56 -0.40 4.12 0.14
N LYS A 57 0.21 3.44 1.11
CA LYS A 57 0.12 3.89 2.50
C LYS A 57 0.78 5.31 2.59
N GLY A 58 1.91 5.50 1.94
CA GLY A 58 2.58 6.80 1.89
C GLY A 58 1.72 7.89 1.31
N ILE A 59 1.03 7.58 0.21
CA ILE A 59 0.07 8.54 -0.43
C ILE A 59 -1.02 8.96 0.56
N ASP A 60 -1.54 7.97 1.29
CA ASP A 60 -2.62 8.17 2.26
CA ASP A 60 -2.62 8.24 2.26
C ASP A 60 -2.15 9.01 3.46
N GLU A 61 -0.91 8.77 3.88
CA GLU A 61 -0.35 9.57 4.96
C GLU A 61 -0.28 11.04 4.55
N ALA A 62 0.10 11.30 3.30
CA ALA A 62 0.14 12.68 2.78
C ALA A 62 -1.25 13.30 2.76
N VAL A 63 -2.24 12.53 2.32
CA VAL A 63 -3.66 12.98 2.27
C VAL A 63 -4.08 13.40 3.68
N GLU A 64 -3.79 12.55 4.66
CA GLU A 64 -4.15 12.86 6.06
C GLU A 64 -3.38 14.05 6.62
N ALA A 65 -2.09 14.17 6.26
CA ALA A 65 -1.33 15.32 6.71
C ALA A 65 -1.95 16.61 6.15
N GLY A 66 -2.40 16.58 4.91
CA GLY A 66 -3.06 17.73 4.31
C GLY A 66 -4.40 18.04 4.96
N LEU A 67 -5.18 16.99 5.21
CA LEU A 67 -6.50 17.18 5.85
C LEU A 67 -6.29 17.74 7.24
N LEU A 68 -5.24 17.27 7.92
CA LEU A 68 -4.94 17.76 9.25
C LEU A 68 -4.61 19.25 9.22
N LEU A 69 -3.81 19.66 8.24
CA LEU A 69 -3.44 21.07 8.16
C LEU A 69 -4.62 21.95 7.83
N LYS A 70 -5.49 21.47 6.95
CA LYS A 70 -6.71 22.20 6.61
C LYS A 70 -7.59 22.36 7.84
N GLN A 71 -7.87 21.25 8.52
CA GLN A 71 -8.69 21.25 9.76
C GLN A 71 -8.17 22.31 10.76
N GLU A 72 -6.85 22.46 10.87
CA GLU A 72 -6.25 23.37 11.84
C GLU A 72 -6.04 24.77 11.32
N GLY A 73 -6.47 25.04 10.11
CA GLY A 73 -6.43 26.39 9.55
C GLY A 73 -5.07 26.85 9.01
N TYR A 74 -4.20 25.90 8.71
CA TYR A 74 -2.90 26.26 8.12
C TYR A 74 -3.00 26.56 6.62
N SER A 75 -2.33 27.61 6.19
CA SER A 75 -2.15 27.84 4.77
C SER A 75 -0.72 28.33 4.55
N PHE A 76 -0.29 28.34 3.31
CA PHE A 76 1.09 28.67 2.98
C PHE A 76 1.24 29.57 1.79
N ASP A 77 2.34 30.32 1.79
CA ASP A 77 2.78 31.20 0.69
C ASP A 77 3.93 30.62 -0.16
N ILE A 78 4.75 29.75 0.42
CA ILE A 78 5.87 29.14 -0.29
C ILE A 78 6.15 27.79 0.34
N ALA A 79 6.57 26.86 -0.49
CA ALA A 79 6.87 25.51 -0.11
C ALA A 79 8.26 25.10 -0.59
N PHE A 80 8.94 24.31 0.22
CA PHE A 80 10.29 23.81 -0.12
C PHE A 80 10.30 22.29 -0.06
N SER A 81 11.01 21.67 -0.97
CA SER A 81 11.19 20.25 -0.89
C SER A 81 12.58 19.84 -1.41
N SER A 82 12.80 18.55 -1.43
CA SER A 82 14.06 18.00 -1.96
C SER A 82 13.96 17.78 -3.46
N LEU A 83 14.98 17.12 -4.03
CA LEU A 83 14.98 16.71 -5.40
C LEU A 83 14.57 15.26 -5.56
N LEU A 84 13.94 14.71 -4.50
CA LEU A 84 13.51 13.31 -4.52
C LEU A 84 11.96 13.27 -4.68
N SER A 85 11.48 12.39 -5.55
CA SER A 85 10.06 12.26 -5.89
C SER A 85 9.15 12.08 -4.72
N ARG A 86 9.56 11.28 -3.75
CA ARG A 86 8.64 10.94 -2.67
C ARG A 86 8.28 12.12 -1.78
N ALA A 87 9.21 13.05 -1.64
CA ALA A 87 9.00 14.26 -0.87
C ALA A 87 8.11 15.21 -1.66
N ASN A 88 8.40 15.32 -2.93
CA ASN A 88 7.64 16.21 -3.79
C ASN A 88 6.19 15.72 -3.94
N ASP A 89 6.00 14.42 -4.11
CA ASP A 89 4.64 13.85 -4.20
C ASP A 89 3.87 14.11 -2.90
N THR A 90 4.55 13.99 -1.76
CA THR A 90 3.93 14.26 -0.46
C THR A 90 3.52 15.72 -0.42
N LEU A 91 4.40 16.62 -0.84
CA LEU A 91 4.08 18.03 -0.83
C LEU A 91 2.89 18.34 -1.77
N ASN A 92 2.92 17.80 -2.96
CA ASN A 92 1.86 18.10 -3.94
C ASN A 92 0.46 17.61 -3.41
N ILE A 93 0.45 16.44 -2.79
CA ILE A 93 -0.76 15.91 -2.17
C ILE A 93 -1.26 16.82 -1.04
N ILE A 94 -0.35 17.28 -0.19
CA ILE A 94 -0.72 18.20 0.89
C ILE A 94 -1.31 19.49 0.34
N LEU A 95 -0.65 20.08 -0.64
CA LEU A 95 -1.12 21.36 -1.15
C LEU A 95 -2.51 21.18 -1.85
N ARG A 96 -2.69 20.09 -2.56
CA ARG A 96 -3.95 19.80 -3.21
C ARG A 96 -5.06 19.72 -2.16
N GLU A 97 -4.82 19.02 -1.06
CA GLU A 97 -5.80 18.97 0.00
C GLU A 97 -6.11 20.35 0.57
N LEU A 98 -5.12 21.23 0.56
CA LEU A 98 -5.35 22.61 1.05
C LEU A 98 -5.98 23.53 0.01
N GLY A 99 -6.15 23.06 -1.22
CA GLY A 99 -6.54 23.96 -2.30
C GLY A 99 -5.47 24.99 -2.65
N GLN A 100 -4.21 24.65 -2.45
CA GLN A 100 -3.12 25.61 -2.67
C GLN A 100 -2.03 25.08 -3.62
N SER A 101 -2.48 24.33 -4.61
CA SER A 101 -1.55 23.73 -5.58
C SER A 101 -0.88 24.79 -6.49
N TYR A 102 -1.29 26.07 -6.37
CA TYR A 102 -0.77 27.16 -7.18
C TYR A 102 0.41 27.90 -6.53
N ILE A 103 0.73 27.61 -5.27
CA ILE A 103 1.77 28.42 -4.60
C ILE A 103 3.19 28.09 -5.10
N SER A 104 4.10 29.01 -4.82
CA SER A 104 5.50 28.85 -5.24
C SER A 104 6.14 27.64 -4.54
N VAL A 105 6.79 26.78 -5.31
CA VAL A 105 7.49 25.63 -4.79
C VAL A 105 8.93 25.65 -5.23
N LYS A 106 9.87 25.45 -4.32
CA LYS A 106 11.29 25.42 -4.63
C LYS A 106 11.90 24.14 -4.17
N LYS A 107 12.74 23.55 -5.01
CA LYS A 107 13.33 22.28 -4.69
C LYS A 107 14.83 22.37 -4.70
N THR A 108 15.47 21.61 -3.81
CA THR A 108 16.91 21.63 -3.69
C THR A 108 17.46 20.30 -3.23
N TRP A 109 18.61 19.96 -3.76
CA TRP A 109 19.29 18.77 -3.30
C TRP A 109 19.61 18.87 -1.82
N ARG A 110 19.75 20.08 -1.30
CA ARG A 110 20.16 20.26 0.09
C ARG A 110 19.14 19.72 1.08
N LEU A 111 17.91 19.51 0.64
CA LEU A 111 16.91 18.89 1.49
C LEU A 111 16.78 17.38 1.24
N ASN A 112 17.61 16.82 0.38
CA ASN A 112 17.59 15.36 0.18
C ASN A 112 17.84 14.61 1.47
N GLU A 113 17.25 13.43 1.56
CA GLU A 113 17.58 12.43 2.54
C GLU A 113 19.11 12.25 2.61
N ARG A 114 19.57 11.79 3.76
CA ARG A 114 20.98 11.45 3.93
C ARG A 114 21.39 10.43 2.87
N HIS A 115 22.57 10.61 2.29
CA HIS A 115 23.09 9.60 1.40
C HIS A 115 23.64 8.42 2.19
N TYR A 116 23.28 7.19 1.84
CA TYR A 116 23.70 6.01 2.60
C TYR A 116 24.80 5.21 1.91
N GLY A 117 25.45 5.86 0.95
CA GLY A 117 26.56 5.27 0.25
C GLY A 117 26.23 3.95 -0.37
N ALA A 118 27.18 3.03 -0.24
CA ALA A 118 27.05 1.68 -0.80
C ALA A 118 26.01 0.84 -0.11
N LEU A 119 25.44 1.31 0.99
CA LEU A 119 24.29 0.59 1.59
C LEU A 119 22.99 0.72 0.78
N GLN A 120 22.91 1.71 -0.11
CA GLN A 120 21.65 1.97 -0.83
C GLN A 120 21.19 0.77 -1.68
N GLY A 121 19.99 0.29 -1.40
CA GLY A 121 19.43 -0.89 -2.11
C GLY A 121 19.60 -2.22 -1.36
N LEU A 122 20.36 -2.22 -0.25
CA LEU A 122 20.56 -3.43 0.55
C LEU A 122 19.68 -3.43 1.81
N ASN A 123 19.37 -4.63 2.30
CA ASN A 123 18.77 -4.78 3.63
C ASN A 123 19.84 -4.93 4.70
N LYS A 124 19.41 -4.96 5.95
CA LYS A 124 20.31 -4.92 7.10
C LYS A 124 21.23 -6.16 7.15
N SER A 125 20.68 -7.32 6.78
CA SER A 125 21.42 -8.56 6.86
C SER A 125 22.45 -8.65 5.73
N GLU A 126 22.08 -8.22 4.51
CA GLU A 126 23.06 -8.12 3.41
C GLU A 126 24.20 -7.17 3.76
N THR A 127 23.87 -6.13 4.51
CA THR A 127 24.84 -5.12 4.89
C THR A 127 25.83 -5.67 5.91
N ALA A 128 25.30 -6.31 6.95
CA ALA A 128 26.12 -7.06 7.91
C ALA A 128 27.05 -8.07 7.21
N ALA A 129 26.50 -8.91 6.34
CA ALA A 129 27.30 -9.93 5.67
C ALA A 129 28.38 -9.33 4.80
N LYS A 130 28.10 -8.21 4.15
CA LYS A 130 29.06 -7.63 3.22
C LYS A 130 30.12 -6.83 3.95
N TYR A 131 29.71 -6.03 4.93
CA TYR A 131 30.63 -5.11 5.58
C TYR A 131 31.01 -5.52 7.00
N GLY A 132 30.30 -6.51 7.55
CA GLY A 132 30.60 -7.04 8.87
C GLY A 132 29.85 -6.36 10.00
N GLU A 133 29.69 -7.09 11.09
CA GLU A 133 28.94 -6.62 12.26
C GLU A 133 29.57 -5.41 12.90
N ASP A 134 30.90 -5.36 12.97
CA ASP A 134 31.59 -4.27 13.63
C ASP A 134 31.35 -2.94 12.92
N LYS A 135 31.55 -2.92 11.60
CA LYS A 135 31.48 -1.69 10.82
C LYS A 135 30.01 -1.21 10.78
N VAL A 136 29.06 -2.12 10.59
CA VAL A 136 27.66 -1.77 10.69
C VAL A 136 27.26 -1.14 12.06
N LEU A 137 27.85 -1.60 13.15
CA LEU A 137 27.55 -1.06 14.48
C LEU A 137 28.13 0.35 14.61
N ILE A 138 29.35 0.53 14.12
CA ILE A 138 29.97 1.82 14.11
C ILE A 138 29.12 2.81 13.28
N TRP A 139 28.69 2.42 12.09
CA TRP A 139 27.94 3.30 11.21
C TRP A 139 26.65 3.74 11.83
N ARG A 140 25.91 2.84 12.45
CA ARG A 140 24.61 3.18 13.08
C ARG A 140 24.71 4.15 14.25
N ARG A 141 25.77 4.06 15.01
CA ARG A 141 25.96 4.87 16.23
C ARG A 141 26.72 6.16 15.98
N SER A 142 27.34 6.28 14.82
CA SER A 142 28.22 7.38 14.58
C SER A 142 27.46 8.62 14.02
N TYR A 143 27.96 9.79 14.38
CA TYR A 143 27.46 11.02 13.87
C TYR A 143 28.38 11.42 12.74
N ASP A 144 29.65 11.00 12.82
CA ASP A 144 30.65 11.48 11.95
C ASP A 144 31.43 10.43 11.14
N VAL A 145 31.07 9.15 11.22
CA VAL A 145 31.73 8.13 10.39
C VAL A 145 30.73 7.66 9.32
N PRO A 146 31.03 7.93 8.06
CA PRO A 146 30.10 7.56 7.02
C PRO A 146 30.19 6.10 6.67
N PRO A 147 29.10 5.54 6.11
CA PRO A 147 29.26 4.19 5.60
C PRO A 147 30.08 4.18 4.34
N SER A 149 31.62 4.17 0.86
CA SER A 149 31.24 5.06 -0.21
C SER A 149 31.02 4.35 -1.52
N LEU A 150 30.19 4.96 -2.36
CA LEU A 150 29.98 4.51 -3.73
C LEU A 150 31.13 4.97 -4.59
N ASP A 151 31.59 4.10 -5.47
CA ASP A 151 32.48 4.53 -6.56
C ASP A 151 31.71 5.32 -7.60
N GLU A 152 32.42 6.22 -8.27
CA GLU A 152 31.79 7.00 -9.34
C GLU A 152 31.30 6.15 -10.49
N SER A 153 31.86 4.95 -10.61
CA SER A 153 31.48 3.99 -11.65
C SER A 153 30.20 3.25 -11.30
N ASP A 154 29.75 3.32 -10.04
CA ASP A 154 28.57 2.60 -9.62
C ASP A 154 27.32 3.29 -10.18
N ASP A 155 26.35 2.49 -10.61
CA ASP A 155 25.14 3.04 -11.27
C ASP A 155 24.32 3.91 -10.34
N ARG A 156 24.51 3.73 -9.03
CA ARG A 156 23.78 4.43 -7.99
C ARG A 156 24.36 5.81 -7.68
N HIS A 157 25.51 6.16 -8.26
CA HIS A 157 26.18 7.39 -7.90
C HIS A 157 25.45 8.60 -8.45
N PRO A 158 25.32 9.63 -7.62
CA PRO A 158 24.55 10.77 -8.02
C PRO A 158 25.04 11.45 -9.28
N ILE A 159 26.35 11.38 -9.60
CA ILE A 159 26.84 12.02 -10.81
C ILE A 159 26.22 11.46 -12.08
N LYS A 160 25.65 10.26 -12.02
CA LYS A 160 25.04 9.68 -13.22
C LYS A 160 23.61 10.15 -13.44
N ASP A 161 23.01 10.80 -12.44
CA ASP A 161 21.65 11.28 -12.56
C ASP A 161 21.67 12.74 -13.03
N PRO A 162 21.10 13.01 -14.22
CA PRO A 162 21.05 14.37 -14.77
C PRO A 162 20.32 15.42 -13.90
N ARG A 163 19.50 15.01 -12.94
CA ARG A 163 18.90 16.01 -12.08
C ARG A 163 19.93 16.78 -11.20
N TYR A 164 21.13 16.24 -11.04
CA TYR A 164 22.19 16.87 -10.29
C TYR A 164 23.26 17.53 -11.14
N LYS A 165 23.03 17.74 -12.41
CA LYS A 165 24.12 18.21 -13.28
C LYS A 165 24.52 19.67 -13.03
N HIS A 166 23.69 20.42 -12.32
CA HIS A 166 23.98 21.80 -12.00
C HIS A 166 24.87 21.95 -10.75
N ILE A 167 25.26 20.84 -10.14
CA ILE A 167 26.01 20.79 -8.89
C ILE A 167 27.41 20.29 -9.13
N PRO A 168 28.42 21.02 -8.65
CA PRO A 168 29.79 20.53 -8.96
C PRO A 168 29.97 19.13 -8.42
N LYS A 169 30.56 18.29 -9.23
CA LYS A 169 30.66 16.86 -8.96
C LYS A 169 31.34 16.63 -7.62
N ARG A 170 32.30 17.46 -7.29
CA ARG A 170 33.01 17.29 -6.02
C ARG A 170 32.07 17.42 -4.80
N GLU A 171 30.98 18.17 -4.92
CA GLU A 171 30.05 18.35 -3.80
C GLU A 171 28.93 17.30 -3.80
N LEU A 172 28.84 16.46 -4.82
CA LEU A 172 27.81 15.41 -4.79
C LEU A 172 28.35 14.28 -3.93
N PRO A 173 27.58 13.82 -2.97
CA PRO A 173 28.13 12.84 -2.03
C PRO A 173 28.19 11.44 -2.62
N SER A 174 29.26 10.70 -2.27
CA SER A 174 29.41 9.28 -2.48
C SER A 174 28.91 8.52 -1.27
N THR A 175 28.74 9.23 -0.15
CA THR A 175 28.22 8.66 1.12
C THR A 175 28.08 9.84 2.04
N GLU A 176 27.33 9.73 3.10
CA GLU A 176 27.25 10.77 4.06
C GLU A 176 27.14 10.18 5.44
N CYS A 177 27.78 10.83 6.41
CA CYS A 177 27.39 10.60 7.80
C CYS A 177 26.37 11.68 8.11
N LEU A 178 25.75 11.64 9.26
CA LEU A 178 24.76 12.63 9.63
C LEU A 178 25.37 13.99 9.73
N LYS A 179 26.62 14.06 10.17
CA LYS A 179 27.31 15.33 10.21
C LYS A 179 27.41 16.00 8.83
N ASP A 180 27.73 15.21 7.80
CA ASP A 180 27.77 15.72 6.42
C ASP A 180 26.39 16.23 6.02
N THR A 181 25.35 15.49 6.35
CA THR A 181 23.99 15.88 5.97
C THR A 181 23.68 17.23 6.59
N VAL A 182 23.95 17.37 7.90
CA VAL A 182 23.67 18.62 8.58
C VAL A 182 24.43 19.74 7.92
N ALA A 183 25.67 19.50 7.55
CA ALA A 183 26.48 20.58 7.00
C ALA A 183 25.97 21.10 5.65
N ARG A 184 25.23 20.28 4.91
CA ARG A 184 24.72 20.75 3.62
C ARG A 184 23.25 21.16 3.66
N VAL A 185 22.52 20.81 4.72
CA VAL A 185 21.19 21.33 4.91
C VAL A 185 21.21 22.77 5.37
N ILE A 186 22.04 23.09 6.38
CA ILE A 186 21.86 24.38 7.07
C ILE A 186 22.03 25.56 6.13
N PRO A 187 22.97 25.49 5.17
CA PRO A 187 23.06 26.65 4.29
C PRO A 187 21.74 26.98 3.55
N TYR A 188 20.93 25.97 3.28
CA TYR A 188 19.67 26.22 2.62
C TYR A 188 18.69 26.89 3.55
N TRP A 189 18.73 26.49 4.81
CA TRP A 189 18.00 27.23 5.84
C TRP A 189 18.43 28.67 5.83
N THR A 190 19.72 28.91 5.86
CA THR A 190 20.22 30.28 5.97
C THR A 190 19.85 31.13 4.77
N ASP A 191 20.06 30.61 3.56
CA ASP A 191 19.91 31.40 2.33
C ASP A 191 18.51 31.49 1.79
N GLU A 192 17.64 30.52 2.06
CA GLU A 192 16.34 30.45 1.42
C GLU A 192 15.19 30.32 2.39
N ILE A 193 15.19 29.30 3.21
CA ILE A 193 14.03 29.11 4.09
C ILE A 193 13.87 30.29 5.06
N ALA A 194 14.95 30.65 5.75
CA ALA A 194 14.94 31.72 6.76
C ALA A 194 14.66 33.09 6.13
N LYS A 195 15.18 33.29 4.94
CA LYS A 195 14.93 34.52 4.22
C LYS A 195 13.42 34.71 4.03
N GLU A 196 12.72 33.64 3.65
CA GLU A 196 11.30 33.75 3.37
C GLU A 196 10.53 33.96 4.65
N VAL A 197 10.90 33.23 5.71
CA VAL A 197 10.24 33.40 6.98
C VAL A 197 10.37 34.82 7.42
N LEU A 198 11.56 35.40 7.27
CA LEU A 198 11.80 36.79 7.68
C LEU A 198 11.03 37.80 6.83
N GLU A 199 10.65 37.44 5.61
CA GLU A 199 9.80 38.33 4.81
C GLU A 199 8.35 38.17 5.18
N GLY A 200 8.01 37.36 6.19
CA GLY A 200 6.64 37.18 6.58
C GLY A 200 5.84 36.14 5.78
N LYS A 201 6.52 35.34 4.94
CA LYS A 201 5.82 34.24 4.23
C LYS A 201 5.61 33.05 5.13
N LYS A 202 4.48 32.38 4.92
CA LYS A 202 4.19 31.15 5.63
C LYS A 202 4.76 29.97 4.85
N VAL A 203 5.72 29.29 5.48
CA VAL A 203 6.51 28.31 4.84
C VAL A 203 6.17 26.93 5.29
N ILE A 204 6.13 25.99 4.33
CA ILE A 204 6.13 24.58 4.61
C ILE A 204 7.33 23.92 3.96
N VAL A 205 7.95 22.99 4.66
CA VAL A 205 9.08 22.22 4.15
C VAL A 205 8.68 20.77 4.19
N ALA A 206 8.72 20.10 3.05
CA ALA A 206 8.36 18.68 2.97
C ALA A 206 9.60 17.95 2.59
N ALA A 207 10.16 17.16 3.51
CA ALA A 207 11.47 16.61 3.26
C ALA A 207 11.58 15.21 3.86
N HIS A 208 12.73 14.90 4.42
CA HIS A 208 13.04 13.52 4.77
C HIS A 208 13.50 13.46 6.20
N GLY A 209 13.57 12.23 6.71
CA GLY A 209 13.99 11.97 8.09
C GLY A 209 15.25 12.69 8.53
N ASN A 210 16.34 12.47 7.82
CA ASN A 210 17.57 13.06 8.25
C ASN A 210 17.76 14.53 7.96
N SER A 211 17.15 15.02 6.89
CA SER A 211 17.25 16.44 6.58
C SER A 211 16.41 17.24 7.58
N LEU A 212 15.29 16.68 8.02
CA LEU A 212 14.52 17.32 9.07
C LEU A 212 15.25 17.20 10.41
N ARG A 213 15.91 16.06 10.66
CA ARG A 213 16.71 15.93 11.86
C ARG A 213 17.75 17.03 11.93
N ALA A 214 18.32 17.38 10.78
CA ALA A 214 19.29 18.45 10.70
C ALA A 214 18.70 19.74 11.19
N LEU A 215 17.50 20.04 10.72
CA LEU A 215 16.83 21.27 11.10
C LEU A 215 16.44 21.25 12.57
N VAL A 216 15.95 20.13 13.09
CA VAL A 216 15.56 20.04 14.52
C VAL A 216 16.83 20.20 15.37
N LYS A 217 17.93 19.57 14.95
CA LYS A 217 19.18 19.72 15.67
C LYS A 217 19.59 21.16 15.77
N TYR A 218 19.56 21.85 14.65
CA TYR A 218 19.83 23.29 14.60
C TYR A 218 18.89 24.12 15.51
N PHE A 219 17.58 23.99 15.35
CA PHE A 219 16.65 24.83 16.08
C PHE A 219 16.73 24.65 17.61
N ASP A 220 16.77 23.40 18.03
CA ASP A 220 16.75 23.07 19.45
C ASP A 220 18.13 22.73 20.00
N ASN A 221 19.18 23.01 19.23
CA ASN A 221 20.57 22.83 19.74
C ASN A 221 20.79 21.45 20.37
N LEU A 222 20.38 20.41 19.67
CA LEU A 222 20.52 19.07 20.18
C LEU A 222 21.97 18.62 20.10
N SER A 223 22.32 17.73 21.00
CA SER A 223 23.64 17.11 21.04
C SER A 223 23.67 16.08 19.92
N GLU A 224 24.86 15.60 19.60
CA GLU A 224 25.00 14.51 18.63
C GLU A 224 24.22 13.29 19.06
N GLU A 225 24.31 12.94 20.35
CA GLU A 225 23.55 11.81 20.89
C GLU A 225 22.06 12.01 20.68
N ASP A 226 21.53 13.18 21.02
CA ASP A 226 20.08 13.35 20.96
C ASP A 226 19.56 13.34 19.52
N VAL A 227 20.29 13.91 18.55
CA VAL A 227 19.82 13.89 17.16
C VAL A 227 19.83 12.46 16.61
N LEU A 228 20.80 11.65 17.03
CA LEU A 228 20.84 10.25 16.60
C LEU A 228 19.67 9.42 17.12
N LYS A 229 19.11 9.79 18.26
CA LYS A 229 17.95 9.06 18.82
C LYS A 229 16.60 9.70 18.45
N LEU A 230 16.62 10.88 17.86
CA LEU A 230 15.41 11.57 17.44
C LEU A 230 14.68 10.77 16.33
N ASN A 231 13.41 10.47 16.58
CA ASN A 231 12.54 9.78 15.64
C ASN A 231 11.45 10.75 15.26
N ILE A 232 11.56 11.31 14.07
CA ILE A 232 10.53 12.19 13.56
C ILE A 232 9.48 11.32 12.87
N PRO A 233 8.24 11.42 13.32
CA PRO A 233 7.19 10.60 12.73
C PRO A 233 6.89 11.00 11.30
N THR A 234 6.60 10.00 10.46
CA THR A 234 6.27 10.20 9.08
C THR A 234 4.86 10.75 9.00
N GLY A 235 4.67 11.73 8.10
CA GLY A 235 3.35 12.23 7.80
C GLY A 235 2.61 13.08 8.85
N ILE A 236 3.30 13.52 9.92
CA ILE A 236 2.67 14.39 10.92
C ILE A 236 3.33 15.76 10.92
N PRO A 237 2.57 16.83 10.66
CA PRO A 237 3.19 18.14 10.58
C PRO A 237 3.79 18.52 11.92
N LEU A 238 4.97 19.14 11.84
CA LEU A 238 5.70 19.62 12.98
C LEU A 238 5.75 21.12 12.83
N VAL A 239 5.22 21.83 13.81
CA VAL A 239 5.15 23.26 13.78
C VAL A 239 6.13 23.89 14.77
N TYR A 240 6.94 24.83 14.29
CA TYR A 240 7.80 25.65 15.13
C TYR A 240 7.22 27.03 15.18
N GLU A 241 7.10 27.56 16.39
CA GLU A 241 6.79 28.96 16.58
C GLU A 241 8.12 29.64 16.87
N LEU A 242 8.35 30.73 16.16
CA LEU A 242 9.63 31.40 16.15
C LEU A 242 9.46 32.84 16.49
N ASP A 243 10.46 33.43 17.15
CA ASP A 243 10.41 34.86 17.46
C ASP A 243 10.94 35.69 16.29
N LYS A 244 11.03 37.00 16.48
CA LYS A 244 11.49 37.97 15.48
C LYS A 244 12.86 37.60 14.92
N ASP A 245 13.68 36.93 15.71
CA ASP A 245 15.03 36.56 15.31
C ASP A 245 15.16 35.10 14.87
N LEU A 246 14.04 34.39 14.80
CA LEU A 246 13.96 32.99 14.40
C LEU A 246 14.42 31.98 15.48
N ASN A 247 14.57 32.44 16.73
CA ASN A 247 14.76 31.50 17.83
C ASN A 247 13.46 30.80 18.13
N PRO A 248 13.50 29.48 18.33
CA PRO A 248 12.28 28.76 18.62
C PRO A 248 11.72 29.15 19.99
N ILE A 249 10.42 29.37 20.04
CA ILE A 249 9.68 29.58 21.27
C ILE A 249 9.14 28.24 21.74
N LYS A 250 8.46 27.54 20.83
CA LYS A 250 8.09 26.16 21.05
C LYS A 250 7.85 25.43 19.75
N HIS A 251 7.73 24.12 19.83
CA HIS A 251 7.23 23.33 18.73
C HIS A 251 6.25 22.29 19.16
N TYR A 252 5.47 21.79 18.22
CA TYR A 252 4.54 20.70 18.50
C TYR A 252 4.14 20.02 17.21
N TYR A 253 3.85 18.73 17.29
CA TYR A 253 3.20 18.01 16.20
C TYR A 253 1.71 18.26 16.25
N LEU A 254 1.09 18.33 15.08
CA LEU A 254 -0.37 18.47 15.01
C LEU A 254 -1.08 17.13 15.12
N GLY A 255 -2.33 17.16 15.56
CA GLY A 255 -3.20 15.99 15.54
C GLY A 255 -3.20 15.18 16.83
N ASP A 256 -3.82 13.99 16.77
CA ASP A 256 -4.11 13.17 17.96
C ASP A 256 -2.86 12.45 18.45
N GLU A 257 -2.72 12.40 19.77
CA GLU A 257 -1.57 11.73 20.45
C GLU A 257 -1.33 10.29 19.97
N SER A 258 -2.41 9.59 19.63
CA SER A 258 -2.34 8.18 19.24
C SER A 258 -1.78 7.99 17.83
N LYS A 259 -2.21 8.85 16.90
CA LYS A 259 -1.65 8.86 15.55
C LYS A 259 -0.14 9.12 15.63
N ILE A 260 0.25 10.07 16.49
CA ILE A 260 1.65 10.43 16.67
C ILE A 260 2.46 9.29 17.27
N LYS A 261 1.94 8.69 18.36
CA LYS A 261 2.59 7.54 19.00
C LYS A 261 2.77 6.38 18.03
N LYS A 262 1.72 6.05 17.28
CA LYS A 262 1.75 4.97 16.27
C LYS A 262 2.82 5.25 15.20
N ALA A 263 2.86 6.48 14.70
CA ALA A 263 3.86 6.90 13.70
C ALA A 263 5.29 6.91 14.27
N GLU A 265 6.42 4.99 16.83
CA GLU A 265 6.81 3.59 17.05
C GLU A 265 7.22 2.93 15.71
N SER A 266 6.51 3.28 14.63
CA SER A 266 6.83 2.77 13.29
C SER A 266 8.22 3.21 12.81
N VAL A 267 8.58 4.47 13.13
CA VAL A 267 9.92 4.97 12.83
C VAL A 267 10.97 4.29 13.72
N ALA A 268 10.70 4.15 15.01
CA ALA A 268 11.60 3.35 15.86
C ALA A 268 11.85 1.97 15.25
N SER A 269 10.79 1.33 14.76
CA SER A 269 10.86 0.00 14.10
C SER A 269 11.82 -0.05 12.87
N GLN A 270 11.70 0.89 11.95
CA GLN A 270 12.57 0.91 10.76
C GLN A 270 14.03 1.09 11.17
N PHE B 26 -29.99 -9.31 20.70
CA PHE B 26 -29.60 -10.31 19.65
C PHE B 26 -29.12 -11.62 20.27
N TYR B 28 -26.85 -13.96 18.03
CA TYR B 28 -25.57 -14.32 17.42
C TYR B 28 -24.98 -13.17 16.63
N LYS B 29 -23.65 -13.15 16.57
CA LYS B 29 -22.91 -12.27 15.69
C LYS B 29 -22.11 -13.09 14.65
N LEU B 30 -22.21 -12.67 13.39
CA LEU B 30 -21.46 -13.22 12.30
C LEU B 30 -20.64 -12.11 11.69
N VAL B 31 -19.35 -12.35 11.48
CA VAL B 31 -18.48 -11.36 10.86
C VAL B 31 -18.07 -11.80 9.44
N LEU B 32 -18.20 -10.88 8.50
CA LEU B 32 -17.83 -11.09 7.10
C LEU B 32 -16.76 -10.10 6.75
N VAL B 33 -15.79 -10.49 5.94
CA VAL B 33 -14.82 -9.54 5.47
C VAL B 33 -14.37 -9.86 4.06
N ARG B 34 -14.35 -8.83 3.25
CA ARG B 34 -13.85 -8.93 1.90
C ARG B 34 -12.36 -8.60 1.87
N HIS B 35 -11.57 -9.40 1.16
CA HIS B 35 -10.14 -9.12 1.06
C HIS B 35 -9.86 -7.82 0.36
N GLY B 36 -8.66 -7.33 0.61
CA GLY B 36 -8.21 -6.07 0.09
C GLY B 36 -7.68 -6.18 -1.31
N GLU B 37 -7.12 -5.08 -1.75
CA GLU B 37 -6.57 -4.97 -3.09
C GLU B 37 -5.62 -6.12 -3.47
N SER B 38 -5.80 -6.62 -4.69
CA SER B 38 -4.92 -7.61 -5.28
C SER B 38 -3.97 -6.94 -6.26
N GLU B 39 -2.99 -7.70 -6.72
CA GLU B 39 -2.04 -7.23 -7.74
C GLU B 39 -2.68 -6.86 -9.10
N TRP B 40 -3.93 -7.27 -9.34
CA TRP B 40 -4.62 -6.95 -10.60
C TRP B 40 -5.59 -5.81 -10.54
N ASN B 41 -5.88 -5.28 -9.35
CA ASN B 41 -6.83 -4.16 -9.22
C ASN B 41 -6.30 -2.84 -9.84
N LYS B 42 -4.99 -2.65 -9.87
CA LYS B 42 -4.41 -1.43 -10.44
C LYS B 42 -4.71 -1.33 -11.96
N GLU B 43 -4.36 -2.40 -12.70
CA GLU B 43 -4.64 -2.50 -14.13
C GLU B 43 -6.10 -2.83 -14.42
N ASN B 44 -6.87 -3.06 -13.36
CA ASN B 44 -8.30 -3.26 -13.48
C ASN B 44 -8.66 -4.47 -14.36
N LEU B 45 -7.91 -5.57 -14.19
CA LEU B 45 -8.18 -6.81 -14.92
C LEU B 45 -9.34 -7.53 -14.28
N PHE B 46 -10.15 -8.19 -15.09
CA PHE B 46 -11.16 -9.12 -14.57
C PHE B 46 -10.41 -10.30 -13.93
N THR B 47 -10.72 -10.58 -12.67
CA THR B 47 -9.93 -11.54 -11.91
C THR B 47 -10.65 -12.88 -11.78
N GLY B 48 -11.81 -12.85 -11.16
CA GLY B 48 -12.62 -14.04 -10.98
C GLY B 48 -11.88 -15.07 -10.17
N TRP B 49 -11.82 -16.27 -10.71
CA TRP B 49 -11.10 -17.37 -10.09
C TRP B 49 -9.62 -17.34 -10.29
N THR B 50 -9.10 -16.38 -11.04
CA THR B 50 -7.68 -16.28 -11.21
C THR B 50 -7.06 -16.11 -9.83
N ASP B 51 -6.11 -16.96 -9.48
CA ASP B 51 -5.52 -16.95 -8.17
C ASP B 51 -4.40 -15.89 -8.00
N VAL B 52 -4.75 -14.63 -8.15
CA VAL B 52 -3.77 -13.53 -7.97
C VAL B 52 -3.52 -13.20 -6.45
N LYS B 53 -2.32 -12.70 -6.16
CA LYS B 53 -1.90 -12.36 -4.80
C LYS B 53 -2.43 -11.00 -4.40
N LEU B 54 -2.52 -10.79 -3.09
CA LEU B 54 -2.76 -9.48 -2.52
C LEU B 54 -1.61 -8.53 -2.87
N SER B 55 -1.92 -7.27 -3.12
CA SER B 55 -0.89 -6.23 -3.19
C SER B 55 -0.48 -5.84 -1.78
N ASP B 56 0.58 -5.03 -1.66
CA ASP B 56 1.04 -4.58 -0.35
C ASP B 56 -0.06 -3.73 0.29
N LYS B 57 -0.80 -2.97 -0.51
CA LYS B 57 -1.96 -2.29 0.02
C LYS B 57 -2.99 -3.33 0.59
N GLY B 58 -3.22 -4.40 -0.18
CA GLY B 58 -4.08 -5.50 0.28
C GLY B 58 -3.66 -6.13 1.59
N ILE B 59 -2.36 -6.34 1.73
CA ILE B 59 -1.79 -6.88 2.97
C ILE B 59 -2.08 -5.96 4.14
N ASP B 60 -1.87 -4.67 3.93
CA ASP B 60 -2.11 -3.69 4.97
C ASP B 60 -3.57 -3.52 5.36
N GLU B 61 -4.45 -3.59 4.39
CA GLU B 61 -5.88 -3.59 4.68
C GLU B 61 -6.26 -4.76 5.59
N ALA B 62 -5.66 -5.93 5.36
CA ALA B 62 -5.86 -7.09 6.25
C ALA B 62 -5.36 -6.83 7.67
N VAL B 63 -4.16 -6.25 7.78
CA VAL B 63 -3.54 -5.92 9.08
C VAL B 63 -4.48 -4.98 9.86
N GLU B 64 -4.96 -3.94 9.18
CA GLU B 64 -5.88 -2.97 9.80
C GLU B 64 -7.23 -3.63 10.16
N ALA B 65 -7.75 -4.50 9.31
CA ALA B 65 -9.02 -5.17 9.66
C ALA B 65 -8.82 -5.99 10.94
N GLY B 66 -7.67 -6.64 11.07
CA GLY B 66 -7.39 -7.44 12.26
C GLY B 66 -7.21 -6.60 13.50
N LEU B 67 -6.51 -5.47 13.35
CA LEU B 67 -6.32 -4.52 14.47
C LEU B 67 -7.65 -3.94 14.88
N LEU B 68 -8.49 -3.68 13.90
CA LEU B 68 -9.82 -3.18 14.19
C LEU B 68 -10.62 -4.19 15.01
N LEU B 69 -10.57 -5.46 14.60
CA LEU B 69 -11.37 -6.46 15.29
C LEU B 69 -10.88 -6.64 16.71
N LYS B 70 -9.56 -6.60 16.89
CA LYS B 70 -8.97 -6.73 18.21
C LYS B 70 -9.42 -5.57 19.11
N GLN B 71 -9.25 -4.34 18.61
CA GLN B 71 -9.71 -3.14 19.35
C GLN B 71 -11.14 -3.29 19.86
N GLU B 72 -12.02 -3.84 19.01
CA GLU B 72 -13.45 -3.94 19.32
C GLU B 72 -13.83 -5.20 20.09
N GLY B 73 -12.85 -6.00 20.47
CA GLY B 73 -13.06 -7.16 21.32
C GLY B 73 -13.61 -8.41 20.60
N TYR B 74 -13.49 -8.46 19.28
CA TYR B 74 -13.95 -9.64 18.53
C TYR B 74 -12.97 -10.79 18.66
N SER B 75 -13.51 -11.96 18.87
CA SER B 75 -12.69 -13.19 18.76
C SER B 75 -13.55 -14.25 18.07
N PHE B 76 -12.91 -15.33 17.63
CA PHE B 76 -13.59 -16.34 16.82
C PHE B 76 -13.28 -17.76 17.24
N ASP B 77 -14.21 -18.67 16.96
CA ASP B 77 -14.09 -20.14 17.15
C ASP B 77 -13.86 -20.93 15.86
N ILE B 78 -14.29 -20.39 14.72
CA ILE B 78 -14.14 -21.03 13.44
C ILE B 78 -14.16 -19.98 12.34
N ALA B 79 -13.41 -20.26 11.30
CA ALA B 79 -13.23 -19.35 10.17
C ALA B 79 -13.47 -20.09 8.86
N PHE B 80 -14.07 -19.39 7.91
CA PHE B 80 -14.32 -19.93 6.60
C PHE B 80 -13.67 -19.04 5.57
N SER B 81 -13.15 -19.63 4.50
CA SER B 81 -12.68 -18.85 3.36
C SER B 81 -12.89 -19.62 2.06
N SER B 82 -12.43 -19.03 0.97
CA SER B 82 -12.56 -19.63 -0.36
C SER B 82 -11.38 -20.51 -0.59
N LEU B 83 -11.25 -20.97 -1.83
CA LEU B 83 -10.06 -21.70 -2.26
C LEU B 83 -9.07 -20.79 -3.00
N LEU B 84 -9.24 -19.47 -2.84
CA LEU B 84 -8.37 -18.50 -3.53
C LEU B 84 -7.37 -17.91 -2.50
N SER B 85 -6.12 -17.80 -2.89
CA SER B 85 -5.04 -17.34 -1.99
C SER B 85 -5.27 -16.00 -1.34
N ARG B 86 -5.83 -15.05 -2.09
CA ARG B 86 -5.95 -13.72 -1.55
C ARG B 86 -6.88 -13.66 -0.35
N ALA B 87 -7.93 -14.46 -0.36
CA ALA B 87 -8.91 -14.52 0.73
C ALA B 87 -8.27 -15.23 1.91
N ASN B 88 -7.53 -16.27 1.63
CA ASN B 88 -6.89 -17.01 2.69
C ASN B 88 -5.76 -16.21 3.38
N ASP B 89 -4.99 -15.49 2.59
CA ASP B 89 -3.93 -14.63 3.14
C ASP B 89 -4.55 -13.53 4.00
N THR B 90 -5.70 -12.99 3.58
CA THR B 90 -6.40 -11.97 4.35
C THR B 90 -6.84 -12.55 5.66
N LEU B 91 -7.42 -13.74 5.62
CA LEU B 91 -7.86 -14.38 6.84
C LEU B 91 -6.69 -14.67 7.78
N ASN B 92 -5.59 -15.21 7.25
CA ASN B 92 -4.45 -15.56 8.07
C ASN B 92 -3.83 -14.31 8.76
N ILE B 93 -3.73 -13.22 8.03
CA ILE B 93 -3.23 -11.95 8.59
C ILE B 93 -4.18 -11.48 9.71
N ILE B 94 -5.49 -11.53 9.49
CA ILE B 94 -6.46 -11.12 10.52
C ILE B 94 -6.35 -11.97 11.77
N LEU B 95 -6.28 -13.28 11.58
CA LEU B 95 -6.19 -14.15 12.75
C LEU B 95 -4.87 -13.97 13.51
N ARG B 96 -3.78 -13.78 12.78
CA ARG B 96 -2.49 -13.48 13.40
C ARG B 96 -2.58 -12.22 14.27
N GLU B 97 -3.20 -11.16 13.74
CA GLU B 97 -3.39 -9.94 14.54
C GLU B 97 -4.24 -10.19 15.77
N LEU B 98 -5.18 -11.13 15.70
CA LEU B 98 -6.00 -11.45 16.88
C LEU B 98 -5.34 -12.44 17.81
N GLY B 99 -4.16 -12.95 17.46
CA GLY B 99 -3.56 -14.01 18.26
C GLY B 99 -4.38 -15.32 18.18
N GLN B 100 -5.07 -15.54 17.07
CA GLN B 100 -5.95 -16.72 16.95
C GLN B 100 -5.64 -17.58 15.70
N SER B 101 -4.37 -17.68 15.38
CA SER B 101 -3.95 -18.45 14.21
C SER B 101 -4.17 -19.96 14.40
N TYR B 102 -4.58 -20.38 15.60
CA TYR B 102 -4.78 -21.78 15.93
C TYR B 102 -6.23 -22.26 15.73
N ILE B 103 -7.15 -21.36 15.42
CA ILE B 103 -8.54 -21.78 15.29
C ILE B 103 -8.81 -22.57 14.01
N SER B 104 -9.90 -23.31 14.05
CA SER B 104 -10.32 -24.15 12.94
C SER B 104 -10.66 -23.31 11.72
N VAL B 105 -10.11 -23.67 10.57
CA VAL B 105 -10.34 -22.95 9.35
C VAL B 105 -10.84 -23.94 8.30
N LYS B 106 -11.91 -23.61 7.60
CA LYS B 106 -12.42 -24.46 6.54
C LYS B 106 -12.52 -23.68 5.28
N LYS B 107 -12.14 -24.30 4.17
CA LYS B 107 -12.13 -23.61 2.86
C LYS B 107 -12.97 -24.31 1.84
N THR B 108 -13.61 -23.53 0.98
CA THR B 108 -14.50 -24.12 0.03
C THR B 108 -14.54 -23.30 -1.23
N TRP B 109 -14.67 -24.03 -2.34
CA TRP B 109 -14.83 -23.34 -3.62
C TRP B 109 -16.09 -22.51 -3.62
N ARG B 110 -17.07 -22.88 -2.77
CA ARG B 110 -18.38 -22.19 -2.78
C ARG B 110 -18.31 -20.74 -2.33
N LEU B 111 -17.22 -20.37 -1.69
CA LEU B 111 -16.98 -18.97 -1.34
C LEU B 111 -16.08 -18.26 -2.35
N ASN B 112 -15.67 -18.93 -3.43
CA ASN B 112 -14.87 -18.24 -4.44
C ASN B 112 -15.59 -17.03 -4.98
N GLU B 113 -14.79 -16.07 -5.43
CA GLU B 113 -15.25 -14.98 -6.27
C GLU B 113 -16.06 -15.51 -7.44
N ARG B 114 -16.95 -14.67 -7.95
CA ARG B 114 -17.65 -14.98 -9.16
C ARG B 114 -16.68 -15.33 -10.29
N HIS B 115 -17.00 -16.34 -11.08
CA HIS B 115 -16.21 -16.69 -12.25
C HIS B 115 -16.53 -15.72 -13.38
N TYR B 116 -15.52 -15.13 -13.98
CA TYR B 116 -15.76 -14.13 -15.06
C TYR B 116 -15.46 -14.72 -16.48
N GLY B 117 -15.45 -16.03 -16.59
CA GLY B 117 -15.34 -16.71 -17.88
C GLY B 117 -14.14 -16.24 -18.66
N ALA B 118 -14.35 -16.08 -19.97
CA ALA B 118 -13.29 -15.70 -20.90
C ALA B 118 -12.81 -14.27 -20.69
N LEU B 119 -13.49 -13.48 -19.84
CA LEU B 119 -12.96 -12.15 -19.46
C LEU B 119 -11.75 -12.19 -18.53
N GLN B 120 -11.52 -13.32 -17.85
CA GLN B 120 -10.43 -13.40 -16.86
C GLN B 120 -9.07 -13.12 -17.46
N GLY B 121 -8.38 -12.12 -16.92
CA GLY B 121 -7.05 -11.75 -17.39
C GLY B 121 -7.04 -10.56 -18.36
N LEU B 122 -8.22 -10.14 -18.80
CA LEU B 122 -8.36 -9.02 -19.72
C LEU B 122 -8.81 -7.74 -19.01
N ASN B 123 -8.44 -6.59 -19.58
CA ASN B 123 -9.01 -5.29 -19.15
C ASN B 123 -10.28 -4.99 -19.93
N LYS B 124 -10.96 -3.92 -19.54
CA LYS B 124 -12.27 -3.56 -20.11
C LYS B 124 -12.20 -3.30 -21.63
N SER B 125 -11.11 -2.68 -22.08
CA SER B 125 -10.98 -2.30 -23.49
C SER B 125 -10.66 -3.54 -24.35
N GLU B 126 -9.77 -4.42 -23.88
CA GLU B 126 -9.52 -5.69 -24.59
C GLU B 126 -10.80 -6.53 -24.69
N THR B 127 -11.66 -6.39 -23.69
CA THR B 127 -12.90 -7.12 -23.66
C THR B 127 -13.89 -6.57 -24.71
N ALA B 128 -14.06 -5.26 -24.69
CA ALA B 128 -14.81 -4.57 -25.74
C ALA B 128 -14.33 -4.96 -27.16
N ALA B 129 -13.04 -4.86 -27.40
CA ALA B 129 -12.47 -5.17 -28.72
C ALA B 129 -12.76 -6.60 -29.15
N LYS B 130 -12.67 -7.53 -28.20
CA LYS B 130 -12.82 -8.94 -28.56
C LYS B 130 -14.30 -9.34 -28.67
N TYR B 131 -15.13 -8.87 -27.74
CA TYR B 131 -16.52 -9.34 -27.67
C TYR B 131 -17.53 -8.29 -28.09
N GLY B 132 -17.09 -7.04 -28.24
CA GLY B 132 -17.98 -5.93 -28.63
C GLY B 132 -18.59 -5.17 -27.46
N GLU B 133 -18.86 -3.89 -27.68
CA GLU B 133 -19.44 -3.01 -26.68
C GLU B 133 -20.83 -3.47 -26.22
N ASP B 134 -21.64 -4.01 -27.14
CA ASP B 134 -23.00 -4.45 -26.83
C ASP B 134 -23.03 -5.61 -25.82
N LYS B 135 -22.22 -6.65 -26.07
CA LYS B 135 -22.20 -7.84 -25.23
C LYS B 135 -21.59 -7.49 -23.84
N VAL B 136 -20.50 -6.73 -23.84
CA VAL B 136 -19.95 -6.22 -22.58
C VAL B 136 -20.94 -5.40 -21.73
N LEU B 137 -21.80 -4.61 -22.37
CA LEU B 137 -22.78 -3.80 -21.65
C LEU B 137 -23.83 -4.71 -21.01
N ILE B 138 -24.27 -5.71 -21.76
CA ILE B 138 -25.25 -6.65 -21.26
C ILE B 138 -24.66 -7.37 -20.04
N TRP B 139 -23.41 -7.83 -20.17
CA TRP B 139 -22.78 -8.60 -19.10
C TRP B 139 -22.63 -7.83 -17.82
N ARG B 140 -22.20 -6.57 -17.91
CA ARG B 140 -22.00 -5.72 -16.73
C ARG B 140 -23.29 -5.45 -15.94
N ARG B 141 -24.41 -5.32 -16.67
CA ARG B 141 -25.69 -4.90 -16.09
C ARG B 141 -26.56 -6.08 -15.66
N SER B 142 -26.19 -7.28 -16.10
CA SER B 142 -27.08 -8.40 -15.95
C SER B 142 -26.88 -9.09 -14.57
N TYR B 143 -27.95 -9.66 -14.07
CA TYR B 143 -27.93 -10.55 -12.92
C TYR B 143 -27.80 -11.99 -13.44
N ASP B 144 -28.35 -12.23 -14.63
CA ASP B 144 -28.57 -13.59 -15.10
C ASP B 144 -28.02 -13.93 -16.47
N VAL B 145 -27.27 -13.04 -17.10
CA VAL B 145 -26.62 -13.39 -18.37
C VAL B 145 -25.10 -13.47 -18.18
N PRO B 146 -24.53 -14.68 -18.34
CA PRO B 146 -23.11 -14.81 -18.02
C PRO B 146 -22.24 -14.31 -19.17
N PRO B 147 -21.00 -13.91 -18.87
CA PRO B 147 -20.12 -13.64 -19.97
C PRO B 147 -19.69 -14.90 -20.70
N SER B 149 -18.12 -18.03 -22.09
CA SER B 149 -17.50 -19.07 -21.28
C SER B 149 -16.09 -19.44 -21.74
N LEU B 150 -15.30 -19.96 -20.82
CA LEU B 150 -14.00 -20.56 -21.11
C LEU B 150 -14.17 -21.94 -21.67
N ASP B 151 -13.39 -22.26 -22.69
CA ASP B 151 -13.30 -23.64 -23.17
C ASP B 151 -12.48 -24.45 -22.18
N GLU B 152 -12.78 -25.73 -22.11
CA GLU B 152 -12.03 -26.62 -21.25
C GLU B 152 -10.55 -26.73 -21.63
N SER B 153 -10.25 -26.39 -22.88
CA SER B 153 -8.90 -26.44 -23.40
C SER B 153 -8.13 -25.17 -23.04
N ASP B 154 -8.80 -24.16 -22.50
CA ASP B 154 -8.09 -22.95 -22.11
C ASP B 154 -7.30 -23.17 -20.80
N ASP B 155 -6.10 -22.59 -20.70
CA ASP B 155 -5.23 -22.77 -19.52
C ASP B 155 -5.84 -22.21 -18.22
N ARG B 156 -6.79 -21.32 -18.36
CA ARG B 156 -7.47 -20.67 -17.25
C ARG B 156 -8.62 -21.49 -16.66
N HIS B 157 -8.97 -22.59 -17.30
CA HIS B 157 -10.19 -23.31 -16.90
C HIS B 157 -9.97 -24.02 -15.60
N PRO B 158 -10.98 -23.97 -14.71
CA PRO B 158 -10.78 -24.55 -13.40
C PRO B 158 -10.43 -26.03 -13.43
N ILE B 159 -10.84 -26.77 -14.45
CA ILE B 159 -10.55 -28.21 -14.47
C ILE B 159 -9.06 -28.50 -14.55
N LYS B 160 -8.25 -27.53 -14.96
CA LYS B 160 -6.81 -27.77 -15.05
C LYS B 160 -6.12 -27.56 -13.71
N ASP B 161 -6.81 -26.97 -12.73
CA ASP B 161 -6.20 -26.68 -11.45
C ASP B 161 -6.52 -27.81 -10.49
N PRO B 162 -5.49 -28.52 -10.00
CA PRO B 162 -5.71 -29.65 -9.10
C PRO B 162 -6.44 -29.31 -7.79
N ARG B 163 -6.46 -28.04 -7.38
CA ARG B 163 -7.17 -27.75 -6.14
C ARG B 163 -8.69 -28.05 -6.27
N TYR B 164 -9.22 -28.13 -7.51
CA TYR B 164 -10.61 -28.41 -7.77
C TYR B 164 -10.92 -29.85 -8.15
N LYS B 165 -9.98 -30.76 -7.98
CA LYS B 165 -10.20 -32.13 -8.50
C LYS B 165 -11.24 -32.95 -7.74
N HIS B 166 -11.61 -32.51 -6.54
CA HIS B 166 -12.62 -33.17 -5.76
C HIS B 166 -14.05 -32.80 -6.14
N ILE B 167 -14.21 -31.93 -7.14
CA ILE B 167 -15.49 -31.39 -7.54
C ILE B 167 -15.86 -31.93 -8.91
N PRO B 168 -17.08 -32.48 -9.07
CA PRO B 168 -17.38 -33.00 -10.41
C PRO B 168 -17.24 -31.92 -11.46
N LYS B 169 -16.60 -32.29 -12.54
CA LYS B 169 -16.23 -31.35 -13.60
C LYS B 169 -17.45 -30.58 -14.09
N ARG B 170 -18.58 -31.27 -14.19
CA ARG B 170 -19.78 -30.62 -14.66
C ARG B 170 -20.20 -29.40 -13.79
N GLU B 171 -19.86 -29.40 -12.50
CA GLU B 171 -20.22 -28.31 -11.58
C GLU B 171 -19.15 -27.22 -11.51
N LEU B 172 -17.98 -27.44 -12.11
CA LEU B 172 -16.98 -26.38 -12.12
C LEU B 172 -17.40 -25.39 -13.18
N PRO B 173 -17.50 -24.11 -12.84
CA PRO B 173 -17.97 -23.13 -13.82
C PRO B 173 -16.95 -22.77 -14.89
N SER B 174 -17.44 -22.61 -16.10
CA SER B 174 -16.71 -22.08 -17.22
C SER B 174 -16.95 -20.58 -17.30
N THR B 175 -17.99 -20.13 -16.60
CA THR B 175 -18.38 -18.73 -16.50
C THR B 175 -19.50 -18.68 -15.46
N GLU B 176 -19.81 -17.52 -14.91
CA GLU B 176 -20.91 -17.35 -14.01
C GLU B 176 -21.55 -16.00 -14.21
N CYS B 177 -22.87 -15.94 -14.11
CA CYS B 177 -23.52 -14.66 -13.88
C CYS B 177 -23.71 -14.60 -12.37
N LEU B 178 -24.13 -13.46 -11.84
CA LEU B 178 -24.24 -13.31 -10.39
C LEU B 178 -25.25 -14.31 -9.84
N LYS B 179 -26.27 -14.57 -10.62
CA LYS B 179 -27.28 -15.55 -10.23
C LYS B 179 -26.68 -16.93 -9.97
N ASP B 180 -25.80 -17.37 -10.87
CA ASP B 180 -25.08 -18.63 -10.67
C ASP B 180 -24.25 -18.60 -9.38
N THR B 181 -23.56 -17.50 -9.14
CA THR B 181 -22.75 -17.38 -7.95
C THR B 181 -23.61 -17.56 -6.71
N VAL B 182 -24.71 -16.84 -6.64
CA VAL B 182 -25.62 -16.90 -5.50
C VAL B 182 -26.07 -18.35 -5.33
N ALA B 183 -26.40 -19.03 -6.42
CA ALA B 183 -26.92 -20.41 -6.29
C ALA B 183 -25.90 -21.42 -5.73
N ARG B 184 -24.61 -21.13 -5.88
CA ARG B 184 -23.63 -22.02 -5.30
C ARG B 184 -23.03 -21.58 -3.99
N VAL B 185 -23.23 -20.31 -3.61
CA VAL B 185 -22.82 -19.84 -2.25
C VAL B 185 -23.78 -20.33 -1.19
N ILE B 186 -25.08 -20.21 -1.44
CA ILE B 186 -26.05 -20.37 -0.37
C ILE B 186 -26.03 -21.76 0.24
N PRO B 187 -25.83 -22.81 -0.55
CA PRO B 187 -25.78 -24.11 0.09
C PRO B 187 -24.67 -24.25 1.13
N TYR B 188 -23.57 -23.52 0.96
CA TYR B 188 -22.51 -23.56 1.99
C TYR B 188 -22.97 -22.84 3.25
N TRP B 189 -23.75 -21.77 3.09
CA TRP B 189 -24.35 -21.09 4.24
C TRP B 189 -25.25 -22.07 4.96
N THR B 190 -26.07 -22.78 4.22
CA THR B 190 -27.02 -23.66 4.83
C THR B 190 -26.35 -24.83 5.54
N ASP B 191 -25.39 -25.47 4.90
CA ASP B 191 -24.80 -26.72 5.43
C ASP B 191 -23.67 -26.53 6.42
N GLU B 192 -22.93 -25.43 6.34
CA GLU B 192 -21.73 -25.26 7.16
C GLU B 192 -21.73 -23.97 7.98
N ILE B 193 -21.85 -22.81 7.35
CA ILE B 193 -21.75 -21.58 8.12
C ILE B 193 -22.87 -21.51 9.17
N ALA B 194 -24.12 -21.68 8.74
CA ALA B 194 -25.27 -21.58 9.64
C ALA B 194 -25.23 -22.62 10.72
N LYS B 195 -24.76 -23.81 10.37
CA LYS B 195 -24.71 -24.91 11.31
C LYS B 195 -23.82 -24.46 12.49
N GLU B 196 -22.67 -23.85 12.20
CA GLU B 196 -21.74 -23.47 13.23
C GLU B 196 -22.31 -22.32 14.07
N VAL B 197 -22.92 -21.35 13.41
CA VAL B 197 -23.56 -20.25 14.15
C VAL B 197 -24.60 -20.82 15.13
N LEU B 198 -25.42 -21.75 14.66
CA LEU B 198 -26.46 -22.33 15.50
C LEU B 198 -25.89 -23.16 16.64
N GLU B 199 -24.64 -23.63 16.53
CA GLU B 199 -24.01 -24.28 17.65
C GLU B 199 -23.42 -23.27 18.64
N GLY B 200 -23.57 -21.96 18.39
CA GLY B 200 -23.01 -20.96 19.29
C GLY B 200 -21.55 -20.60 19.02
N LYS B 201 -20.97 -21.06 17.89
CA LYS B 201 -19.63 -20.66 17.54
C LYS B 201 -19.60 -19.26 16.96
N LYS B 202 -18.51 -18.55 17.24
CA LYS B 202 -18.29 -17.24 16.65
C LYS B 202 -17.54 -17.42 15.34
N VAL B 203 -18.20 -17.04 14.27
CA VAL B 203 -17.77 -17.29 12.93
C VAL B 203 -17.29 -16.03 12.26
N ILE B 204 -16.15 -16.16 11.56
CA ILE B 204 -15.72 -15.20 10.60
C ILE B 204 -15.65 -15.84 9.22
N VAL B 205 -16.06 -15.10 8.20
CA VAL B 205 -16.00 -15.52 6.81
C VAL B 205 -15.18 -14.51 6.05
N ALA B 206 -14.07 -14.96 5.45
CA ALA B 206 -13.21 -14.07 4.65
C ALA B 206 -13.37 -14.50 3.23
N ALA B 207 -13.92 -13.64 2.39
CA ALA B 207 -14.25 -14.06 1.06
C ALA B 207 -14.13 -12.93 0.08
N HIS B 208 -15.02 -12.84 -0.90
CA HIS B 208 -14.79 -11.99 -2.04
C HIS B 208 -16.04 -11.19 -2.30
N GLY B 209 -15.90 -10.19 -3.16
CA GLY B 209 -16.97 -9.24 -3.44
C GLY B 209 -18.29 -9.91 -3.75
N ASN B 210 -18.29 -10.77 -4.75
CA ASN B 210 -19.56 -11.33 -5.20
C ASN B 210 -20.09 -12.43 -4.31
N SER B 211 -19.19 -13.17 -3.65
CA SER B 211 -19.65 -14.22 -2.75
C SER B 211 -20.23 -13.59 -1.49
N LEU B 212 -19.69 -12.45 -1.05
CA LEU B 212 -20.31 -11.72 0.09
C LEU B 212 -21.60 -11.01 -0.35
N ARG B 213 -21.64 -10.53 -1.59
CA ARG B 213 -22.88 -10.01 -2.12
C ARG B 213 -23.98 -11.03 -2.06
N ALA B 214 -23.64 -12.29 -2.36
CA ALA B 214 -24.61 -13.37 -2.34
C ALA B 214 -25.18 -13.51 -0.94
N LEU B 215 -24.31 -13.47 0.07
CA LEU B 215 -24.74 -13.62 1.43
C LEU B 215 -25.59 -12.43 1.86
N VAL B 216 -25.18 -11.21 1.49
CA VAL B 216 -25.94 -10.05 1.86
C VAL B 216 -27.32 -10.11 1.18
N LYS B 217 -27.36 -10.50 -0.09
CA LYS B 217 -28.62 -10.60 -0.80
C LYS B 217 -29.56 -11.53 -0.09
N TYR B 218 -29.03 -12.68 0.31
CA TYR B 218 -29.78 -13.65 1.12
C TYR B 218 -30.27 -13.06 2.43
N PHE B 219 -29.37 -12.54 3.26
CA PHE B 219 -29.76 -12.08 4.60
C PHE B 219 -30.81 -10.97 4.58
N ASP B 220 -30.61 -9.99 3.72
CA ASP B 220 -31.46 -8.81 3.69
C ASP B 220 -32.49 -8.87 2.58
N ASN B 221 -32.63 -10.03 1.93
CA ASN B 221 -33.66 -10.23 0.89
C ASN B 221 -33.63 -9.12 -0.17
N LEU B 222 -32.44 -8.81 -0.66
CA LEU B 222 -32.31 -7.76 -1.67
C LEU B 222 -32.86 -8.21 -3.01
N SER B 223 -33.30 -7.23 -3.77
CA SER B 223 -33.77 -7.43 -5.11
C SER B 223 -32.54 -7.60 -5.97
N GLU B 224 -32.73 -8.05 -7.21
CA GLU B 224 -31.63 -8.15 -8.16
C GLU B 224 -31.00 -6.76 -8.34
N GLU B 225 -31.85 -5.73 -8.47
CA GLU B 225 -31.38 -4.35 -8.64
C GLU B 225 -30.47 -3.92 -7.47
N ASP B 226 -30.91 -4.18 -6.26
CA ASP B 226 -30.13 -3.69 -5.14
C ASP B 226 -28.81 -4.43 -4.97
N VAL B 227 -28.78 -5.75 -5.25
CA VAL B 227 -27.53 -6.49 -5.12
C VAL B 227 -26.54 -6.05 -6.19
N LEU B 228 -27.04 -5.71 -7.38
CA LEU B 228 -26.14 -5.25 -8.44
C LEU B 228 -25.49 -3.90 -8.13
N LYS B 229 -26.12 -3.05 -7.33
CA LYS B 229 -25.50 -1.76 -6.97
C LYS B 229 -24.83 -1.80 -5.58
N LEU B 230 -24.94 -2.91 -4.87
CA LEU B 230 -24.23 -3.08 -3.61
C LEU B 230 -22.69 -3.10 -3.84
N ASN B 231 -21.99 -2.23 -3.14
CA ASN B 231 -20.53 -2.14 -3.17
C ASN B 231 -20.05 -2.41 -1.74
N ILE B 232 -19.53 -3.61 -1.52
CA ILE B 232 -18.99 -3.97 -0.22
C ILE B 232 -17.54 -3.51 -0.16
N PRO B 233 -17.20 -2.65 0.81
CA PRO B 233 -15.84 -2.16 0.92
C PRO B 233 -14.88 -3.27 1.24
N THR B 234 -13.70 -3.19 0.66
CA THR B 234 -12.63 -4.12 0.90
C THR B 234 -12.01 -3.88 2.29
N GLY B 235 -11.71 -4.96 3.00
CA GLY B 235 -11.01 -4.91 4.27
C GLY B 235 -11.71 -4.31 5.48
N ILE B 236 -13.01 -4.08 5.42
CA ILE B 236 -13.73 -3.55 6.57
C ILE B 236 -14.69 -4.63 7.07
N PRO B 237 -14.53 -5.08 8.31
CA PRO B 237 -15.44 -6.10 8.80
C PRO B 237 -16.89 -5.64 8.82
N LEU B 238 -17.76 -6.53 8.39
CA LEU B 238 -19.18 -6.34 8.32
C LEU B 238 -19.75 -7.31 9.34
N VAL B 239 -20.44 -6.78 10.33
CA VAL B 239 -21.02 -7.60 11.38
C VAL B 239 -22.53 -7.69 11.18
N TYR B 240 -23.06 -8.91 11.20
CA TYR B 240 -24.48 -9.15 11.28
C TYR B 240 -24.84 -9.59 12.70
N GLU B 241 -25.88 -8.99 13.26
CA GLU B 241 -26.49 -9.50 14.46
C GLU B 241 -27.73 -10.25 14.06
N LEU B 242 -27.84 -11.46 14.57
CA LEU B 242 -28.84 -12.41 14.14
C LEU B 242 -29.65 -12.88 15.33
N ASP B 243 -30.91 -13.20 15.10
CA ASP B 243 -31.75 -13.75 16.18
C ASP B 243 -31.59 -15.25 16.27
N LYS B 244 -32.36 -15.86 17.17
CA LYS B 244 -32.34 -17.32 17.41
C LYS B 244 -32.52 -18.13 16.14
N ASP B 245 -33.25 -17.59 15.17
CA ASP B 245 -33.54 -18.29 13.91
C ASP B 245 -32.65 -17.85 12.74
N LEU B 246 -31.64 -17.02 13.02
CA LEU B 246 -30.71 -16.47 12.04
C LEU B 246 -31.29 -15.38 11.14
N ASN B 247 -32.45 -14.81 11.49
CA ASN B 247 -32.92 -13.59 10.80
C ASN B 247 -32.08 -12.42 11.25
N PRO B 248 -31.64 -11.58 10.31
CA PRO B 248 -30.86 -10.42 10.69
C PRO B 248 -31.67 -9.40 11.49
N ILE B 249 -31.08 -8.92 12.58
CA ILE B 249 -31.64 -7.83 13.37
C ILE B 249 -31.08 -6.54 12.82
N LYS B 250 -29.75 -6.46 12.74
CA LYS B 250 -29.08 -5.36 12.06
C LYS B 250 -27.69 -5.78 11.60
N HIS B 251 -27.10 -4.95 10.75
CA HIS B 251 -25.70 -5.08 10.44
C HIS B 251 -25.00 -3.76 10.45
N TYR B 252 -23.68 -3.78 10.57
CA TYR B 252 -22.90 -2.55 10.51
C TYR B 252 -21.46 -2.90 10.19
N TYR B 253 -20.79 -2.00 9.47
CA TYR B 253 -19.35 -2.07 9.31
C TYR B 253 -18.65 -1.54 10.56
N LEU B 254 -17.51 -2.12 10.91
CA LEU B 254 -16.71 -1.62 12.04
C LEU B 254 -15.83 -0.44 11.62
N GLY B 255 -15.50 0.41 12.59
CA GLY B 255 -14.51 1.47 12.38
C GLY B 255 -15.11 2.80 11.99
N ASP B 256 -14.22 3.74 11.63
CA ASP B 256 -14.60 5.13 11.40
C ASP B 256 -15.29 5.31 10.04
N GLU B 257 -16.32 6.16 10.04
CA GLU B 257 -17.09 6.48 8.82
C GLU B 257 -16.23 6.90 7.62
N SER B 258 -15.12 7.57 7.88
CA SER B 258 -14.24 8.08 6.82
C SER B 258 -13.41 6.98 6.16
N LYS B 259 -12.89 6.06 6.97
CA LYS B 259 -12.20 4.87 6.44
C LYS B 259 -13.17 4.07 5.54
N ILE B 260 -14.43 3.95 5.98
CA ILE B 260 -15.47 3.21 5.25
C ILE B 260 -15.81 3.91 3.93
N LYS B 261 -16.06 5.22 3.99
CA LYS B 261 -16.36 6.05 2.80
C LYS B 261 -15.22 5.95 1.76
N LYS B 262 -13.97 6.07 2.22
CA LYS B 262 -12.78 5.93 1.36
C LYS B 262 -12.73 4.55 0.67
N ALA B 263 -12.94 3.49 1.46
CA ALA B 263 -12.98 2.13 0.93
C ALA B 263 -14.18 1.88 -0.02
N GLU B 265 -15.79 4.25 -1.89
CA GLU B 265 -15.51 4.99 -3.14
C GLU B 265 -14.54 4.25 -4.07
N SER B 266 -13.54 3.58 -3.50
CA SER B 266 -12.55 2.77 -4.25
C SER B 266 -13.12 1.44 -4.76
N PHE C 26 14.93 19.83 -36.92
CA PHE C 26 14.58 20.83 -35.87
C PHE C 26 15.64 21.03 -34.79
N TYR C 28 14.48 22.56 -31.36
CA TYR C 28 13.86 22.46 -30.02
C TYR C 28 12.48 21.91 -30.11
N LYS C 29 12.05 21.27 -29.02
CA LYS C 29 10.68 20.83 -28.84
C LYS C 29 10.05 21.55 -27.63
N LEU C 30 8.83 22.06 -27.83
CA LEU C 30 8.00 22.61 -26.76
C LEU C 30 6.71 21.83 -26.67
N VAL C 31 6.31 21.45 -25.48
CA VAL C 31 5.09 20.73 -25.26
C VAL C 31 4.08 21.58 -24.49
N LEU C 32 2.85 21.61 -25.00
CA LEU C 32 1.72 22.36 -24.42
C LEU C 32 0.64 21.38 -24.11
N VAL C 33 -0.05 21.57 -22.98
CA VAL C 33 -1.18 20.71 -22.67
C VAL C 33 -2.24 21.47 -21.95
N ARG C 34 -3.46 21.23 -22.38
CA ARG C 34 -4.62 21.83 -21.77
C ARG C 34 -5.22 20.85 -20.76
N HIS C 35 -5.59 21.34 -19.60
CA HIS C 35 -6.20 20.50 -18.59
C HIS C 35 -7.52 19.94 -19.04
N GLY C 36 -7.91 18.87 -18.36
CA GLY C 36 -9.12 18.16 -18.66
C GLY C 36 -10.33 18.77 -18.00
N GLU C 37 -11.41 18.04 -18.07
CA GLU C 37 -12.67 18.45 -17.52
C GLU C 37 -12.61 18.89 -16.05
N SER C 38 -13.30 19.98 -15.77
CA SER C 38 -13.47 20.52 -14.41
C SER C 38 -14.88 20.20 -13.89
N GLU C 39 -15.10 20.43 -12.61
CA GLU C 39 -16.39 20.23 -11.96
C GLU C 39 -17.54 21.13 -12.55
N TRP C 40 -17.20 22.17 -13.33
CA TRP C 40 -18.20 23.05 -13.93
C TRP C 40 -18.49 22.78 -15.38
N ASN C 41 -17.73 21.90 -16.04
CA ASN C 41 -18.01 21.57 -17.46
C ASN C 41 -19.39 20.83 -17.67
N LYS C 42 -19.86 20.07 -16.68
CA LYS C 42 -21.15 19.34 -16.84
C LYS C 42 -22.33 20.32 -16.97
N GLU C 43 -22.43 21.26 -16.03
CA GLU C 43 -23.44 22.32 -16.08
C GLU C 43 -23.08 23.41 -17.07
N ASN C 44 -21.89 23.32 -17.67
CA ASN C 44 -21.48 24.23 -18.73
C ASN C 44 -21.42 25.70 -18.25
N LEU C 45 -20.90 25.91 -17.04
CA LEU C 45 -20.77 27.25 -16.50
C LEU C 45 -19.56 27.95 -17.10
N PHE C 46 -19.66 29.27 -17.31
CA PHE C 46 -18.48 30.06 -17.64
C PHE C 46 -17.55 30.05 -16.42
N THR C 47 -16.30 29.64 -16.63
CA THR C 47 -15.37 29.41 -15.53
C THR C 47 -14.38 30.55 -15.36
N GLY C 48 -13.59 30.78 -16.39
CA GLY C 48 -12.62 31.84 -16.36
C GLY C 48 -11.61 31.64 -15.27
N TRP C 49 -11.46 32.67 -14.45
CA TRP C 49 -10.54 32.65 -13.33
C TRP C 49 -11.12 31.99 -12.09
N THR C 50 -12.34 31.50 -12.16
CA THR C 50 -12.94 30.81 -11.01
C THR C 50 -12.04 29.59 -10.77
N ASP C 51 -11.56 29.42 -9.55
CA ASP C 51 -10.62 28.35 -9.24
C ASP C 51 -11.32 27.02 -8.98
N VAL C 52 -11.97 26.47 -9.99
CA VAL C 52 -12.69 25.22 -9.83
C VAL C 52 -11.75 24.00 -9.95
N LYS C 53 -12.13 22.91 -9.29
CA LYS C 53 -11.33 21.67 -9.27
C LYS C 53 -11.57 20.85 -10.55
N LEU C 54 -10.59 20.05 -10.93
CA LEU C 54 -10.76 19.01 -11.93
C LEU C 54 -11.85 18.04 -11.48
N SER C 55 -12.62 17.53 -12.42
CA SER C 55 -13.49 16.38 -12.14
C SER C 55 -12.65 15.10 -12.17
N ASP C 56 -13.28 13.98 -11.81
CA ASP C 56 -12.59 12.69 -11.84
C ASP C 56 -12.22 12.36 -13.29
N LYS C 57 -13.06 12.74 -14.24
CA LYS C 57 -12.74 12.58 -15.65
C LYS C 57 -11.49 13.44 -15.99
N GLY C 58 -11.47 14.66 -15.47
CA GLY C 58 -10.30 15.52 -15.61
C GLY C 58 -9.02 14.90 -15.08
N ILE C 59 -9.09 14.32 -13.90
CA ILE C 59 -7.94 13.64 -13.28
C ILE C 59 -7.42 12.53 -14.20
N ASP C 60 -8.36 11.74 -14.75
CA ASP C 60 -8.03 10.60 -15.63
C ASP C 60 -7.43 11.04 -16.97
N GLU C 61 -7.92 12.15 -17.49
CA GLU C 61 -7.33 12.75 -18.68
C GLU C 61 -5.87 13.14 -18.44
N ALA C 62 -5.57 13.67 -17.26
CA ALA C 62 -4.18 14.05 -16.92
C ALA C 62 -3.30 12.82 -16.83
N VAL C 63 -3.83 11.76 -16.19
CA VAL C 63 -3.09 10.48 -16.09
C VAL C 63 -2.73 9.98 -17.49
N GLU C 64 -3.73 10.00 -18.39
CA GLU C 64 -3.52 9.52 -19.79
C GLU C 64 -2.54 10.43 -20.56
N ALA C 65 -2.64 11.74 -20.35
CA ALA C 65 -1.68 12.62 -20.99
C ALA C 65 -0.25 12.31 -20.52
N GLY C 66 -0.08 12.02 -19.24
CA GLY C 66 1.25 11.65 -18.72
C GLY C 66 1.76 10.31 -19.24
N LEU C 67 0.85 9.32 -19.28
CA LEU C 67 1.19 7.98 -19.80
C LEU C 67 1.56 8.09 -21.28
N LEU C 68 0.85 8.95 -22.00
CA LEU C 68 1.14 9.16 -23.40
C LEU C 68 2.55 9.76 -23.57
N LEU C 69 2.90 10.72 -22.73
CA LEU C 69 4.21 11.36 -22.87
C LEU C 69 5.33 10.38 -22.54
N LYS C 70 5.10 9.56 -21.53
CA LYS C 70 6.06 8.56 -21.16
C LYS C 70 6.26 7.58 -22.34
N GLN C 71 5.16 7.01 -22.83
CA GLN C 71 5.21 6.03 -23.95
C GLN C 71 6.04 6.60 -25.12
N GLU C 72 5.93 7.90 -25.39
CA GLU C 72 6.61 8.53 -26.52
C GLU C 72 7.99 9.04 -26.21
N GLY C 73 8.47 8.79 -24.98
CA GLY C 73 9.85 9.16 -24.61
C GLY C 73 10.08 10.63 -24.22
N TYR C 74 9.03 11.38 -23.90
CA TYR C 74 9.19 12.80 -23.53
C TYR C 74 9.61 12.96 -22.07
N SER C 75 10.56 13.84 -21.83
CA SER C 75 10.92 14.24 -20.48
C SER C 75 11.19 15.72 -20.48
N PHE C 76 11.21 16.32 -19.30
CA PHE C 76 11.28 17.76 -19.17
C PHE C 76 12.26 18.23 -18.10
N ASP C 77 12.77 19.44 -18.30
CA ASP C 77 13.68 20.14 -17.38
C ASP C 77 12.99 21.28 -16.58
N ILE C 78 11.93 21.87 -17.12
CA ILE C 78 11.19 22.93 -16.47
C ILE C 78 9.74 22.90 -16.96
N ALA C 79 8.84 23.23 -16.05
CA ALA C 79 7.42 23.22 -16.31
C ALA C 79 6.81 24.57 -15.93
N PHE C 80 5.83 25.01 -16.70
CA PHE C 80 5.12 26.25 -16.45
C PHE C 80 3.65 25.98 -16.32
N SER C 81 2.98 26.70 -15.43
CA SER C 81 1.55 26.63 -15.35
C SER C 81 0.96 27.96 -14.95
N SER C 82 -0.35 27.99 -14.79
CA SER C 82 -1.07 29.18 -14.34
C SER C 82 -1.11 29.23 -12.83
N LEU C 83 -1.87 30.20 -12.29
CA LEU C 83 -2.15 30.26 -10.88
C LEU C 83 -3.46 29.60 -10.53
N LEU C 84 -4.01 28.77 -11.45
CA LEU C 84 -5.29 28.11 -11.20
C LEU C 84 -5.03 26.62 -10.86
N SER C 85 -5.73 26.12 -9.84
CA SER C 85 -5.54 24.75 -9.34
C SER C 85 -5.66 23.67 -10.38
N ARG C 86 -6.63 23.80 -11.26
CA ARG C 86 -6.90 22.71 -12.20
C ARG C 86 -5.79 22.45 -13.19
N ALA C 87 -5.07 23.50 -13.56
CA ALA C 87 -3.90 23.38 -14.42
C ALA C 87 -2.75 22.78 -13.66
N ASN C 88 -2.56 23.24 -12.44
CA ASN C 88 -1.48 22.80 -11.66
C ASN C 88 -1.62 21.32 -11.27
N ASP C 89 -2.84 20.90 -10.94
CA ASP C 89 -3.11 19.52 -10.63
C ASP C 89 -2.86 18.65 -11.85
N THR C 90 -3.25 19.14 -13.03
CA THR C 90 -2.97 18.45 -14.26
C THR C 90 -1.48 18.28 -14.43
N LEU C 91 -0.73 19.34 -14.22
CA LEU C 91 0.72 19.26 -14.40
C LEU C 91 1.34 18.27 -13.41
N ASN C 92 0.91 18.30 -12.16
CA ASN C 92 1.49 17.46 -11.15
C ASN C 92 1.24 15.98 -11.46
N ILE C 93 0.02 15.68 -11.92
CA ILE C 93 -0.33 14.30 -12.33
C ILE C 93 0.56 13.87 -13.50
N ILE C 94 0.77 14.75 -14.48
CA ILE C 94 1.62 14.41 -15.60
C ILE C 94 3.06 14.13 -15.17
N LEU C 95 3.61 15.01 -14.34
CA LEU C 95 4.99 14.84 -13.95
C LEU C 95 5.16 13.57 -13.09
N ARG C 96 4.19 13.28 -12.23
CA ARG C 96 4.20 12.07 -11.43
C ARG C 96 4.25 10.84 -12.33
N GLU C 97 3.40 10.79 -13.36
CA GLU C 97 3.45 9.70 -14.33
C GLU C 97 4.83 9.59 -15.01
N LEU C 98 5.50 10.71 -15.20
CA LEU C 98 6.82 10.69 -15.84
C LEU C 98 7.96 10.41 -14.87
N GLY C 99 7.66 10.28 -13.58
CA GLY C 99 8.69 10.17 -12.57
C GLY C 99 9.52 11.47 -12.48
N GLN C 100 8.91 12.63 -12.77
CA GLN C 100 9.66 13.88 -12.77
C GLN C 100 9.06 14.96 -11.85
N SER C 101 8.52 14.52 -10.72
CA SER C 101 7.86 15.44 -9.81
C SER C 101 8.88 16.41 -9.12
N TYR C 102 10.17 16.21 -9.36
CA TYR C 102 11.24 16.98 -8.76
C TYR C 102 11.68 18.16 -9.64
N ILE C 103 11.18 18.26 -10.87
CA ILE C 103 11.66 19.35 -11.72
C ILE C 103 11.14 20.72 -11.33
N SER C 104 11.84 21.74 -11.79
CA SER C 104 11.49 23.12 -11.52
C SER C 104 10.14 23.44 -12.14
N VAL C 105 9.27 24.04 -11.34
CA VAL C 105 7.95 24.42 -11.78
C VAL C 105 7.77 25.91 -11.49
N LYS C 106 7.30 26.69 -12.47
CA LYS C 106 7.02 28.09 -12.29
C LYS C 106 5.59 28.40 -12.66
N LYS C 107 4.92 29.22 -11.85
CA LYS C 107 3.52 29.53 -12.09
C LYS C 107 3.31 31.01 -12.26
N THR C 108 2.37 31.38 -13.12
CA THR C 108 2.11 32.77 -13.37
C THR C 108 0.66 33.03 -13.69
N TRP C 109 0.19 34.20 -13.28
CA TRP C 109 -1.15 34.60 -13.65
C TRP C 109 -1.27 34.76 -15.14
N ARG C 110 -0.16 34.98 -15.82
CA ARG C 110 -0.19 35.24 -17.25
C ARG C 110 -0.61 34.04 -18.07
N LEU C 111 -0.54 32.86 -17.49
CA LEU C 111 -1.07 31.66 -18.15
C LEU C 111 -2.49 31.31 -17.70
N ASN C 112 -3.10 32.15 -16.84
CA ASN C 112 -4.50 31.90 -16.49
C ASN C 112 -5.44 31.86 -17.71
N GLU C 113 -6.50 31.07 -17.57
CA GLU C 113 -7.61 31.10 -18.49
C GLU C 113 -8.06 32.54 -18.71
N ARG C 114 -8.69 32.76 -19.84
CA ARG C 114 -9.33 34.07 -20.10
C ARG C 114 -10.31 34.41 -18.98
N HIS C 115 -10.30 35.65 -18.54
CA HIS C 115 -11.29 36.12 -17.61
C HIS C 115 -12.61 36.34 -18.32
N TYR C 116 -13.69 35.80 -17.77
CA TYR C 116 -15.03 35.93 -18.43
C TYR C 116 -15.94 36.98 -17.75
N GLY C 117 -15.35 37.84 -16.96
CA GLY C 117 -16.06 38.93 -16.31
C GLY C 117 -17.25 38.44 -15.52
N ALA C 118 -18.33 39.19 -15.65
CA ALA C 118 -19.57 38.91 -14.91
C ALA C 118 -20.26 37.65 -15.39
N LEU C 119 -19.81 37.04 -16.46
CA LEU C 119 -20.36 35.74 -16.86
C LEU C 119 -19.93 34.58 -15.92
N GLN C 120 -18.87 34.78 -15.15
CA GLN C 120 -18.31 33.69 -14.33
C GLN C 120 -19.31 33.17 -13.33
N GLY C 121 -19.58 31.87 -13.41
CA GLY C 121 -20.51 31.21 -12.53
C GLY C 121 -21.90 30.96 -13.14
N LEU C 122 -22.18 31.57 -14.29
CA LEU C 122 -23.49 31.50 -14.96
C LEU C 122 -23.45 30.51 -16.11
N ASN C 123 -24.61 29.94 -16.42
CA ASN C 123 -24.79 29.17 -17.65
C ASN C 123 -25.27 30.06 -18.79
N LYS C 124 -25.33 29.49 -19.98
CA LYS C 124 -25.55 30.23 -21.21
C LYS C 124 -26.95 30.90 -21.21
N SER C 125 -27.94 30.22 -20.64
CA SER C 125 -29.30 30.71 -20.64
C SER C 125 -29.45 31.85 -19.61
N GLU C 126 -28.83 31.72 -18.43
CA GLU C 126 -28.81 32.82 -17.44
C GLU C 126 -28.11 34.05 -18.00
N THR C 127 -27.12 33.81 -18.85
CA THR C 127 -26.38 34.88 -19.48
C THR C 127 -27.25 35.65 -20.53
N ALA C 128 -27.87 34.92 -21.44
CA ALA C 128 -28.88 35.45 -22.37
C ALA C 128 -29.96 36.27 -21.65
N ALA C 129 -30.55 35.70 -20.61
CA ALA C 129 -31.60 36.38 -19.85
C ALA C 129 -31.11 37.67 -19.22
N LYS C 130 -29.89 37.65 -18.69
CA LYS C 130 -29.40 38.82 -17.94
C LYS C 130 -28.89 39.91 -18.87
N TYR C 131 -28.13 39.51 -19.90
CA TYR C 131 -27.47 40.49 -20.75
C TYR C 131 -28.09 40.63 -22.14
N GLY C 132 -29.00 39.71 -22.50
CA GLY C 132 -29.70 39.76 -23.77
C GLY C 132 -29.02 39.00 -24.89
N GLU C 133 -29.82 38.54 -25.84
CA GLU C 133 -29.37 37.72 -26.95
C GLU C 133 -28.35 38.45 -27.81
N ASP C 134 -28.56 39.74 -28.05
CA ASP C 134 -27.66 40.51 -28.90
C ASP C 134 -26.24 40.61 -28.33
N LYS C 135 -26.12 41.00 -27.06
CA LYS C 135 -24.82 41.24 -26.43
C LYS C 135 -24.09 39.89 -26.26
N VAL C 136 -24.79 38.85 -25.87
CA VAL C 136 -24.20 37.54 -25.84
C VAL C 136 -23.66 37.05 -27.20
N LEU C 137 -24.33 37.38 -28.29
CA LEU C 137 -23.88 36.99 -29.63
C LEU C 137 -22.62 37.78 -30.03
N ILE C 138 -22.60 39.07 -29.70
CA ILE C 138 -21.43 39.87 -29.92
C ILE C 138 -20.23 39.33 -29.12
N TRP C 139 -20.44 39.00 -27.84
CA TRP C 139 -19.35 38.55 -26.97
C TRP C 139 -18.74 37.26 -27.42
N ARG C 140 -19.58 36.30 -27.81
CA ARG C 140 -19.10 34.97 -28.29
C ARG C 140 -18.27 35.06 -29.60
N ARG C 141 -18.63 35.98 -30.49
CA ARG C 141 -18.03 36.08 -31.83
C ARG C 141 -16.88 37.10 -31.86
N SER C 142 -16.72 37.89 -30.80
CA SER C 142 -15.74 38.96 -30.83
C SER C 142 -14.32 38.47 -30.39
N TYR C 143 -13.31 39.10 -30.99
CA TYR C 143 -11.95 38.97 -30.57
C TYR C 143 -11.64 40.09 -29.57
N ASP C 144 -12.30 41.24 -29.74
CA ASP C 144 -11.92 42.44 -29.07
C ASP C 144 -13.00 43.16 -28.26
N VAL C 145 -14.19 42.58 -28.11
CA VAL C 145 -15.21 43.15 -27.25
C VAL C 145 -15.40 42.29 -26.02
N PRO C 146 -15.01 42.78 -24.85
CA PRO C 146 -15.11 41.94 -23.66
C PRO C 146 -16.54 41.84 -23.12
N PRO C 147 -16.85 40.76 -22.40
CA PRO C 147 -18.13 40.75 -21.74
C PRO C 147 -18.16 41.71 -20.58
N SER C 149 -18.12 43.64 -17.29
CA SER C 149 -17.07 43.52 -16.30
C SER C 149 -17.62 43.33 -14.90
N LEU C 150 -16.80 42.72 -14.05
CA LEU C 150 -17.06 42.63 -12.62
C LEU C 150 -16.73 43.94 -11.95
N ASP C 151 -17.55 44.35 -11.00
CA ASP C 151 -17.19 45.43 -10.08
C ASP C 151 -16.18 44.93 -9.06
N GLU C 152 -15.37 45.84 -8.57
CA GLU C 152 -14.35 45.49 -7.59
C GLU C 152 -14.97 45.03 -6.29
N SER C 153 -16.22 45.38 -6.07
CA SER C 153 -16.95 44.97 -4.88
C SER C 153 -17.51 43.54 -5.01
N ASP C 154 -17.48 42.97 -6.19
CA ASP C 154 -18.05 41.62 -6.41
C ASP C 154 -17.08 40.57 -5.84
N ASP C 155 -17.63 39.53 -5.23
CA ASP C 155 -16.82 38.55 -4.52
C ASP C 155 -15.91 37.79 -5.48
N ARG C 156 -16.25 37.80 -6.78
CA ARG C 156 -15.55 37.06 -7.81
C ARG C 156 -14.35 37.81 -8.35
N HIS C 157 -14.15 39.05 -7.91
CA HIS C 157 -13.12 39.88 -8.49
C HIS C 157 -11.74 39.44 -8.03
N PRO C 158 -10.80 39.38 -8.96
CA PRO C 158 -9.48 38.90 -8.61
C PRO C 158 -8.80 39.63 -7.50
N ILE C 159 -9.10 40.91 -7.30
CA ILE C 159 -8.41 41.65 -6.25
C ILE C 159 -8.71 41.09 -4.87
N LYS C 160 -9.80 40.35 -4.72
CA LYS C 160 -10.15 39.83 -3.41
C LYS C 160 -9.41 38.52 -3.11
N ASP C 161 -8.78 37.90 -4.12
CA ASP C 161 -8.03 36.67 -3.90
C ASP C 161 -6.58 36.99 -3.61
N PRO C 162 -6.09 36.63 -2.43
CA PRO C 162 -4.70 36.93 -2.02
C PRO C 162 -3.63 36.32 -2.90
N ARG C 163 -3.96 35.31 -3.70
CA ARG C 163 -2.92 34.77 -4.60
C ARG C 163 -2.45 35.81 -5.64
N TYR C 164 -3.24 36.86 -5.85
CA TYR C 164 -2.89 37.93 -6.80
C TYR C 164 -2.33 39.22 -6.19
N LYS C 165 -2.00 39.20 -4.92
CA LYS C 165 -1.67 40.45 -4.22
C LYS C 165 -0.34 41.04 -4.69
N HIS C 166 0.46 40.29 -5.43
CA HIS C 166 1.74 40.79 -5.90
C HIS C 166 1.61 41.53 -7.22
N ILE C 167 0.38 41.65 -7.75
CA ILE C 167 0.08 42.21 -9.07
C ILE C 167 -0.66 43.52 -8.91
N PRO C 168 -0.18 44.60 -9.54
CA PRO C 168 -0.90 45.85 -9.36
C PRO C 168 -2.36 45.74 -9.76
N LYS C 169 -3.21 46.24 -8.90
CA LYS C 169 -4.67 46.08 -9.02
C LYS C 169 -5.14 46.51 -10.40
N ARG C 170 -4.54 47.58 -10.92
CA ARG C 170 -4.94 48.10 -12.21
C ARG C 170 -4.76 47.05 -13.33
N GLU C 171 -3.80 46.12 -13.17
CA GLU C 171 -3.55 45.10 -14.18
C GLU C 171 -4.33 43.83 -13.97
N LEU C 172 -5.03 43.70 -12.85
CA LEU C 172 -5.88 42.54 -12.68
C LEU C 172 -7.18 42.73 -13.46
N PRO C 173 -7.56 41.79 -14.30
CA PRO C 173 -8.72 42.00 -15.16
C PRO C 173 -10.06 41.87 -14.42
N SER C 174 -10.98 42.76 -14.78
CA SER C 174 -12.40 42.70 -14.39
C SER C 174 -13.18 41.93 -15.44
N THR C 175 -12.57 41.76 -16.61
CA THR C 175 -13.14 41.01 -17.73
C THR C 175 -12.04 40.95 -18.77
N GLU C 176 -12.14 40.05 -19.74
CA GLU C 176 -11.17 40.06 -20.83
C GLU C 176 -11.89 39.71 -22.10
N CYS C 177 -11.45 40.30 -23.21
CA CYS C 177 -11.73 39.69 -24.54
C CYS C 177 -10.51 38.89 -24.88
N LEU C 178 -10.56 38.08 -25.93
CA LEU C 178 -9.45 37.24 -26.27
C LEU C 178 -8.21 38.05 -26.58
N LYS C 179 -8.42 39.23 -27.15
CA LYS C 179 -7.33 40.13 -27.45
C LYS C 179 -6.55 40.52 -26.17
N ASP C 180 -7.27 40.82 -25.09
CA ASP C 180 -6.65 41.13 -23.81
C ASP C 180 -5.84 39.91 -23.32
N THR C 181 -6.45 38.73 -23.41
CA THR C 181 -5.76 37.53 -22.95
C THR C 181 -4.43 37.38 -23.70
N VAL C 182 -4.47 37.48 -25.03
CA VAL C 182 -3.25 37.33 -25.84
C VAL C 182 -2.22 38.38 -25.44
N ALA C 183 -2.65 39.62 -25.21
CA ALA C 183 -1.69 40.65 -24.83
C ALA C 183 -0.98 40.39 -23.49
N ARG C 184 -1.61 39.63 -22.58
CA ARG C 184 -0.91 39.36 -21.31
C ARG C 184 -0.25 37.99 -21.21
N VAL C 185 -0.55 37.10 -22.14
CA VAL C 185 0.17 35.86 -22.25
C VAL C 185 1.56 36.08 -22.87
N ILE C 186 1.61 36.83 -23.97
CA ILE C 186 2.81 36.77 -24.82
C ILE C 186 4.05 37.27 -24.07
N PRO C 187 3.91 38.28 -23.19
CA PRO C 187 5.11 38.69 -22.47
C PRO C 187 5.73 37.57 -21.63
N TYR C 188 4.92 36.64 -21.14
CA TYR C 188 5.47 35.53 -20.40
C TYR C 188 6.25 34.56 -21.34
N TRP C 189 5.73 34.40 -22.54
CA TRP C 189 6.47 33.66 -23.58
C TRP C 189 7.77 34.33 -23.80
N THR C 190 7.75 35.63 -24.00
CA THR C 190 8.97 36.33 -24.31
C THR C 190 10.02 36.31 -23.19
N ASP C 191 9.59 36.58 -21.96
CA ASP C 191 10.49 36.71 -20.82
C ASP C 191 10.91 35.43 -20.14
N GLU C 192 10.09 34.39 -20.20
CA GLU C 192 10.34 33.18 -19.43
C GLU C 192 10.35 31.90 -20.27
N ILE C 193 9.28 31.61 -20.97
CA ILE C 193 9.21 30.35 -21.64
C ILE C 193 10.29 30.27 -22.73
N ALA C 194 10.35 31.28 -23.60
CA ALA C 194 11.32 31.32 -24.72
C ALA C 194 12.74 31.33 -24.19
N LYS C 195 12.95 32.00 -23.08
CA LYS C 195 14.27 32.09 -22.51
C LYS C 195 14.78 30.69 -22.19
N GLU C 196 13.91 29.88 -21.58
CA GLU C 196 14.30 28.55 -21.17
C GLU C 196 14.53 27.68 -22.40
N VAL C 197 13.66 27.82 -23.39
CA VAL C 197 13.83 27.04 -24.62
C VAL C 197 15.18 27.37 -25.25
N LEU C 198 15.51 28.66 -25.32
CA LEU C 198 16.76 29.09 -25.90
C LEU C 198 17.99 28.62 -25.11
N GLU C 199 17.81 28.32 -23.82
CA GLU C 199 18.92 27.75 -23.04
C GLU C 199 19.00 26.24 -23.22
N GLY C 200 18.16 25.66 -24.06
CA GLY C 200 18.22 24.22 -24.33
C GLY C 200 17.43 23.37 -23.34
N LYS C 201 16.63 23.98 -22.49
CA LYS C 201 15.78 23.20 -21.59
C LYS C 201 14.55 22.67 -22.30
N LYS C 202 14.11 21.50 -21.88
CA LYS C 202 12.91 20.92 -22.39
C LYS C 202 11.73 21.39 -21.54
N VAL C 203 10.82 22.12 -22.19
CA VAL C 203 9.74 22.80 -21.51
C VAL C 203 8.42 22.13 -21.77
N ILE C 204 7.63 22.00 -20.71
CA ILE C 204 6.21 21.74 -20.81
C ILE C 204 5.42 22.91 -20.19
N VAL C 205 4.32 23.27 -20.85
CA VAL C 205 3.41 24.29 -20.37
C VAL C 205 2.05 23.65 -20.20
N ALA C 206 1.51 23.70 -18.98
CA ALA C 206 0.21 23.12 -18.70
C ALA C 206 -0.70 24.25 -18.37
N ALA C 207 -1.68 24.54 -19.22
CA ALA C 207 -2.45 25.74 -19.05
C ALA C 207 -3.89 25.53 -19.47
N HIS C 208 -4.49 26.52 -20.12
CA HIS C 208 -5.93 26.54 -20.35
C HIS C 208 -6.21 26.84 -21.80
N GLY C 209 -7.46 26.63 -22.18
CA GLY C 209 -7.90 26.78 -23.56
C GLY C 209 -7.49 28.09 -24.20
N ASN C 210 -7.83 29.22 -23.59
CA ASN C 210 -7.54 30.50 -24.21
C ASN C 210 -6.13 30.96 -24.09
N SER C 211 -5.44 30.56 -23.02
CA SER C 211 -4.01 30.91 -22.88
C SER C 211 -3.16 30.10 -23.85
N LEU C 212 -3.56 28.86 -24.12
CA LEU C 212 -2.89 28.07 -25.18
C LEU C 212 -3.27 28.59 -26.59
N ARG C 213 -4.53 29.02 -26.77
CA ARG C 213 -4.91 29.66 -28.03
C ARG C 213 -4.03 30.84 -28.33
N ALA C 214 -3.69 31.61 -27.30
CA ALA C 214 -2.83 32.78 -27.45
C ALA C 214 -1.47 32.36 -27.99
N LEU C 215 -0.93 31.29 -27.44
CA LEU C 215 0.36 30.80 -27.90
C LEU C 215 0.29 30.23 -29.32
N VAL C 216 -0.77 29.49 -29.65
CA VAL C 216 -0.92 28.93 -31.00
C VAL C 216 -1.10 30.08 -32.01
N LYS C 217 -1.89 31.08 -31.65
CA LYS C 217 -2.06 32.24 -32.51
C LYS C 217 -0.70 32.88 -32.81
N TYR C 218 0.10 33.09 -31.78
CA TYR C 218 1.43 33.65 -31.91
C TYR C 218 2.34 32.80 -32.80
N PHE C 219 2.49 31.52 -32.48
CA PHE C 219 3.40 30.64 -33.25
C PHE C 219 3.03 30.49 -34.73
N ASP C 220 1.77 30.27 -35.01
CA ASP C 220 1.31 30.04 -36.38
C ASP C 220 0.70 31.27 -37.05
N ASN C 221 0.84 32.43 -36.42
CA ASN C 221 0.36 33.70 -37.02
C ASN C 221 -1.08 33.59 -37.50
N LEU C 222 -1.94 33.07 -36.64
CA LEU C 222 -3.34 32.92 -37.01
C LEU C 222 -4.04 34.24 -37.03
N SER C 223 -5.07 34.30 -37.86
CA SER C 223 -5.93 35.44 -37.96
C SER C 223 -6.85 35.43 -36.75
N GLU C 224 -7.53 36.53 -36.50
CA GLU C 224 -8.54 36.58 -35.45
C GLU C 224 -9.61 35.52 -35.69
N GLU C 225 -10.06 35.39 -36.94
CA GLU C 225 -11.07 34.38 -37.29
C GLU C 225 -10.57 32.98 -36.93
N ASP C 226 -9.35 32.63 -37.31
CA ASP C 226 -8.90 31.27 -37.09
C ASP C 226 -8.70 30.94 -35.61
N VAL C 227 -8.21 31.90 -34.81
CA VAL C 227 -7.99 31.60 -33.40
C VAL C 227 -9.33 31.46 -32.70
N LEU C 228 -10.34 32.20 -33.15
CA LEU C 228 -11.68 32.07 -32.55
C LEU C 228 -12.33 30.70 -32.83
N LYS C 229 -11.97 30.06 -33.93
CA LYS C 229 -12.50 28.74 -34.24
C LYS C 229 -11.60 27.59 -33.78
N LEU C 230 -10.40 27.90 -33.32
CA LEU C 230 -9.47 26.89 -32.81
C LEU C 230 -10.01 26.23 -31.56
N ASN C 231 -10.13 24.92 -31.61
CA ASN C 231 -10.60 24.12 -30.48
C ASN C 231 -9.45 23.18 -30.10
N ILE C 232 -8.76 23.52 -29.02
CA ILE C 232 -7.65 22.72 -28.54
C ILE C 232 -8.21 21.63 -27.65
N PRO C 233 -7.93 20.38 -28.00
CA PRO C 233 -8.48 19.26 -27.23
C PRO C 233 -7.91 19.23 -25.85
N THR C 234 -8.76 18.89 -24.87
CA THR C 234 -8.34 18.79 -23.49
C THR C 234 -7.50 17.54 -23.32
N GLY C 235 -6.43 17.63 -22.54
CA GLY C 235 -5.62 16.47 -22.15
C GLY C 235 -4.76 15.81 -23.19
N ILE C 236 -4.58 16.41 -24.36
CA ILE C 236 -3.73 15.81 -25.39
C ILE C 236 -2.54 16.70 -25.62
N PRO C 237 -1.33 16.15 -25.45
CA PRO C 237 -0.17 17.03 -25.61
C PRO C 237 -0.04 17.52 -27.02
N LEU C 238 0.33 18.78 -27.14
CA LEU C 238 0.57 19.44 -28.41
C LEU C 238 2.05 19.75 -28.44
N VAL C 239 2.76 19.22 -29.44
CA VAL C 239 4.19 19.41 -29.56
C VAL C 239 4.52 20.36 -30.71
N TYR C 240 5.34 21.37 -30.43
CA TYR C 240 5.89 22.25 -31.45
C TYR C 240 7.35 21.92 -31.63
N GLU C 241 7.77 21.76 -32.88
CA GLU C 241 9.18 21.69 -33.20
C GLU C 241 9.56 23.06 -33.70
N LEU C 242 10.65 23.56 -33.17
CA LEU C 242 11.05 24.91 -33.40
C LEU C 242 12.46 24.96 -33.92
N ASP C 243 12.78 25.95 -34.75
CA ASP C 243 14.16 26.12 -35.21
C ASP C 243 14.99 26.95 -34.23
N LYS C 244 16.23 27.22 -34.60
CA LYS C 244 17.19 27.93 -33.73
C LYS C 244 16.66 29.30 -33.28
N ASP C 245 15.78 29.89 -34.08
CA ASP C 245 15.21 31.20 -33.78
C ASP C 245 13.80 31.13 -33.19
N LEU C 246 13.33 29.93 -32.88
CA LEU C 246 12.00 29.66 -32.32
C LEU C 246 10.84 29.81 -33.31
N ASN C 247 11.12 29.86 -34.61
CA ASN C 247 10.05 29.74 -35.61
C ASN C 247 9.56 28.30 -35.67
N PRO C 248 8.27 28.09 -35.74
CA PRO C 248 7.75 26.74 -35.80
C PRO C 248 8.10 26.08 -37.13
N ILE C 249 8.57 24.85 -37.06
CA ILE C 249 8.79 23.98 -38.22
C ILE C 249 7.52 23.19 -38.46
N LYS C 250 7.06 22.52 -37.40
CA LYS C 250 5.75 21.88 -37.42
C LYS C 250 5.21 21.68 -36.02
N HIS C 251 3.94 21.32 -35.93
CA HIS C 251 3.38 20.84 -34.69
C HIS C 251 2.51 19.65 -34.90
N TYR C 252 2.26 18.90 -33.84
CA TYR C 252 1.36 17.76 -33.89
C TYR C 252 0.89 17.39 -32.49
N TYR C 253 -0.33 16.89 -32.40
CA TYR C 253 -0.81 16.30 -31.16
C TYR C 253 -0.28 14.87 -31.06
N LEU C 254 0.03 14.42 -29.85
CA LEU C 254 0.46 13.04 -29.63
C LEU C 254 -0.72 12.10 -29.55
N GLY C 255 -0.48 10.85 -29.91
CA GLY C 255 -1.45 9.79 -29.72
C GLY C 255 -2.30 9.52 -30.95
N ASP C 256 -3.32 8.69 -30.77
CA ASP C 256 -4.15 8.20 -31.87
C ASP C 256 -5.13 9.24 -32.38
N GLU C 257 -5.29 9.29 -33.71
CA GLU C 257 -6.20 10.25 -34.38
C GLU C 257 -7.65 10.23 -33.83
N SER C 258 -8.11 9.05 -33.39
CA SER C 258 -9.48 8.89 -32.87
C SER C 258 -9.66 9.49 -31.46
N LYS C 259 -8.68 9.30 -30.59
CA LYS C 259 -8.67 9.95 -29.27
C LYS C 259 -8.72 11.47 -29.44
N ILE C 260 -7.93 11.97 -30.39
CA ILE C 260 -7.86 13.41 -30.69
C ILE C 260 -9.20 13.93 -31.25
N LYS C 261 -9.77 13.23 -32.23
CA LYS C 261 -11.08 13.58 -32.82
C LYS C 261 -12.18 13.62 -31.74
N LYS C 262 -12.21 12.59 -30.89
CA LYS C 262 -13.17 12.52 -29.76
C LYS C 262 -13.03 13.74 -28.81
N ALA C 263 -11.79 14.05 -28.44
CA ALA C 263 -11.47 15.19 -27.57
C ALA C 263 -11.80 16.56 -28.24
N GLU C 265 -14.12 17.07 -30.72
CA GLU C 265 -15.59 17.17 -30.80
C GLU C 265 -16.20 17.57 -29.44
N SER C 266 -15.64 17.04 -28.35
CA SER C 266 -16.07 17.38 -26.98
C SER C 266 -15.86 18.87 -26.64
N VAL C 267 -14.74 19.43 -27.11
CA VAL C 267 -14.46 20.87 -26.93
C VAL C 267 -15.41 21.72 -27.80
N ALA C 268 -15.63 21.32 -29.05
CA ALA C 268 -16.67 21.97 -29.90
C ALA C 268 -18.06 21.89 -29.24
N SER C 269 -18.54 20.66 -28.99
CA SER C 269 -19.86 20.44 -28.36
C SER C 269 -19.79 20.60 -26.84
N PHE D 26 10.74 -45.59 -3.39
CA PHE D 26 9.79 -45.25 -2.31
C PHE D 26 8.36 -45.10 -2.80
N TYR D 28 5.88 -43.01 -0.54
CA TYR D 28 5.35 -41.74 -0.03
C TYR D 28 6.43 -40.86 0.55
N LYS D 29 6.22 -39.55 0.47
CA LYS D 29 7.04 -38.56 1.17
C LYS D 29 6.22 -37.81 2.22
N LEU D 30 6.76 -37.71 3.42
CA LEU D 30 6.19 -36.93 4.52
C LEU D 30 7.18 -35.86 4.89
N VAL D 31 6.72 -34.62 4.99
CA VAL D 31 7.58 -33.50 5.39
C VAL D 31 7.20 -32.98 6.78
N LEU D 32 8.21 -32.80 7.61
CA LEU D 32 8.08 -32.32 8.98
C LEU D 32 8.89 -31.07 9.10
N VAL D 33 8.40 -30.09 9.83
CA VAL D 33 9.23 -28.91 10.06
C VAL D 33 8.96 -28.34 11.44
N ARG D 34 10.05 -28.04 12.11
CA ARG D 34 10.01 -27.42 13.38
C ARG D 34 10.04 -25.90 13.17
N HIS D 35 9.21 -25.18 13.91
CA HIS D 35 9.22 -23.74 13.83
C HIS D 35 10.49 -23.14 14.29
N GLY D 36 10.70 -21.91 13.81
CA GLY D 36 11.87 -21.15 14.14
C GLY D 36 11.77 -20.45 15.47
N GLU D 37 12.77 -19.61 15.72
CA GLU D 37 12.90 -18.89 16.97
C GLU D 37 11.63 -18.14 17.39
N SER D 38 11.32 -18.23 18.66
CA SER D 38 10.22 -17.50 19.27
C SER D 38 10.76 -16.33 20.06
N GLU D 39 9.88 -15.46 20.52
CA GLU D 39 10.23 -14.32 21.39
C GLU D 39 10.91 -14.71 22.73
N TRP D 40 10.81 -15.99 23.13
CA TRP D 40 11.40 -16.46 24.40
C TRP D 40 12.71 -17.20 24.27
N ASN D 41 13.14 -17.52 23.06
CA ASN D 41 14.42 -18.22 22.87
C ASN D 41 15.66 -17.37 23.25
N LYS D 42 15.57 -16.04 23.13
CA LYS D 42 16.70 -15.17 23.47
C LYS D 42 17.02 -15.26 24.98
N GLU D 43 16.00 -15.05 25.81
CA GLU D 43 16.11 -15.19 27.27
C GLU D 43 16.15 -16.67 27.70
N ASN D 44 15.97 -17.58 26.75
CA ASN D 44 16.10 -19.03 27.02
C ASN D 44 15.08 -19.51 28.08
N LEU D 45 13.85 -18.99 28.02
CA LEU D 45 12.79 -19.39 28.94
C LEU D 45 12.21 -20.76 28.52
N PHE D 46 11.81 -21.57 29.50
CA PHE D 46 11.04 -22.79 29.23
C PHE D 46 9.68 -22.36 28.69
N THR D 47 9.33 -22.86 27.50
CA THR D 47 8.16 -22.36 26.80
C THR D 47 6.98 -23.32 26.96
N GLY D 48 7.18 -24.53 26.49
CA GLY D 48 6.12 -25.54 26.57
C GLY D 48 4.89 -25.09 25.83
N TRP D 49 3.77 -25.12 26.54
CA TRP D 49 2.50 -24.72 25.98
C TRP D 49 2.25 -23.25 25.99
N THR D 50 3.19 -22.47 26.53
CA THR D 50 3.00 -21.03 26.57
C THR D 50 2.91 -20.59 25.12
N ASP D 51 1.89 -19.82 24.79
CA ASP D 51 1.64 -19.45 23.41
C ASP D 51 2.43 -18.23 22.93
N VAL D 52 3.75 -18.33 22.95
CA VAL D 52 4.58 -17.19 22.57
C VAL D 52 4.66 -17.05 21.03
N LYS D 53 4.83 -15.81 20.56
CA LYS D 53 4.93 -15.49 19.14
C LYS D 53 6.32 -15.82 18.59
N LEU D 54 6.39 -16.05 17.28
CA LEU D 54 7.64 -16.12 16.55
C LEU D 54 8.36 -14.80 16.64
N SER D 55 9.68 -14.83 16.76
CA SER D 55 10.48 -13.60 16.63
C SER D 55 10.62 -13.30 15.15
N ASP D 56 11.20 -12.14 14.85
CA ASP D 56 11.45 -11.78 13.46
C ASP D 56 12.42 -12.78 12.83
N LYS D 57 13.37 -13.25 13.61
CA LYS D 57 14.25 -14.31 13.13
C LYS D 57 13.41 -15.57 12.79
N GLY D 58 12.49 -15.90 13.68
CA GLY D 58 11.56 -17.01 13.45
C GLY D 58 10.76 -16.87 12.17
N ILE D 59 10.24 -15.66 11.92
CA ILE D 59 9.48 -15.35 10.72
C ILE D 59 10.33 -15.59 9.48
N ASP D 60 11.59 -15.14 9.53
CA ASP D 60 12.51 -15.33 8.40
CA ASP D 60 12.44 -15.31 8.37
C ASP D 60 12.92 -16.76 8.17
N GLU D 61 13.08 -17.52 9.25
CA GLU D 61 13.35 -18.96 9.12
C GLU D 61 12.19 -19.65 8.39
N ALA D 62 10.96 -19.23 8.65
CA ALA D 62 9.80 -19.78 7.97
C ALA D 62 9.83 -19.43 6.50
N VAL D 63 10.16 -18.17 6.19
CA VAL D 63 10.25 -17.70 4.81
C VAL D 63 11.23 -18.58 4.05
N GLU D 64 12.40 -18.79 4.66
CA GLU D 64 13.45 -19.59 4.01
C GLU D 64 13.05 -21.05 3.87
N ALA D 65 12.38 -21.59 4.88
CA ALA D 65 11.92 -22.99 4.77
C ALA D 65 10.94 -23.12 3.60
N GLY D 66 10.08 -22.13 3.42
CA GLY D 66 9.14 -22.14 2.29
C GLY D 66 9.82 -21.99 0.94
N LEU D 67 10.78 -21.07 0.88
CA LEU D 67 11.56 -20.85 -0.35
C LEU D 67 12.35 -22.12 -0.68
N LEU D 68 12.88 -22.78 0.34
CA LEU D 68 13.59 -24.02 0.14
C LEU D 68 12.68 -25.09 -0.44
N LEU D 69 11.47 -25.21 0.09
CA LEU D 69 10.55 -26.23 -0.39
C LEU D 69 10.11 -25.97 -1.82
N LYS D 70 9.88 -24.70 -2.13
CA LYS D 70 9.54 -24.31 -3.49
C LYS D 70 10.68 -24.66 -4.47
N GLN D 71 11.88 -24.22 -4.13
CA GLN D 71 13.08 -24.54 -4.97
C GLN D 71 13.16 -26.02 -5.30
N GLU D 72 12.87 -26.87 -4.33
CA GLU D 72 13.02 -28.31 -4.47
C GLU D 72 11.79 -29.01 -5.04
N GLY D 73 10.78 -28.23 -5.39
CA GLY D 73 9.60 -28.77 -6.07
C GLY D 73 8.54 -29.42 -5.17
N TYR D 74 8.61 -29.18 -3.86
CA TYR D 74 7.61 -29.73 -2.92
C TYR D 74 6.30 -28.98 -2.98
N SER D 75 5.21 -29.73 -2.99
CA SER D 75 3.87 -29.15 -2.79
C SER D 75 3.08 -30.09 -1.92
N PHE D 76 1.95 -29.60 -1.39
CA PHE D 76 1.18 -30.34 -0.41
C PHE D 76 -0.30 -30.31 -0.68
N ASP D 77 -0.98 -31.35 -0.20
CA ASP D 77 -2.44 -31.49 -0.25
C ASP D 77 -3.12 -31.23 1.11
N ILE D 78 -2.41 -31.47 2.22
CA ILE D 78 -2.95 -31.28 3.56
C ILE D 78 -1.80 -30.97 4.51
N ALA D 79 -2.10 -30.13 5.48
CA ALA D 79 -1.14 -29.66 6.47
C ALA D 79 -1.67 -29.87 7.89
N PHE D 80 -0.78 -30.23 8.82
CA PHE D 80 -1.12 -30.43 10.20
C PHE D 80 -0.25 -29.53 11.06
N SER D 81 -0.82 -28.99 12.11
CA SER D 81 -0.06 -28.25 13.08
C SER D 81 -0.62 -28.43 14.47
N SER D 82 -0.01 -27.76 15.42
CA SER D 82 -0.46 -27.76 16.80
C SER D 82 -1.52 -26.71 17.03
N LEU D 83 -1.91 -26.54 18.29
CA LEU D 83 -2.79 -25.47 18.69
C LEU D 83 -2.00 -24.25 19.21
N LEU D 84 -0.69 -24.19 18.91
CA LEU D 84 0.17 -23.09 19.36
C LEU D 84 0.46 -22.17 18.18
N SER D 85 0.33 -20.88 18.42
CA SER D 85 0.49 -19.85 17.36
C SER D 85 1.78 -19.91 16.57
N ARG D 86 2.88 -20.17 17.25
CA ARG D 86 4.16 -20.14 16.56
C ARG D 86 4.33 -21.21 15.47
N ALA D 87 3.73 -22.38 15.69
CA ALA D 87 3.73 -23.46 14.71
C ALA D 87 2.79 -23.11 13.55
N ASN D 88 1.64 -22.54 13.88
CA ASN D 88 0.70 -22.17 12.87
C ASN D 88 1.18 -21.01 11.96
N ASP D 89 1.80 -20.00 12.57
CA ASP D 89 2.38 -18.90 11.82
C ASP D 89 3.48 -19.41 10.89
N THR D 90 4.29 -20.35 11.36
CA THR D 90 5.34 -20.98 10.54
C THR D 90 4.72 -21.66 9.38
N LEU D 91 3.67 -22.46 9.64
CA LEU D 91 3.01 -23.14 8.54
C LEU D 91 2.42 -22.15 7.53
N ASN D 92 1.73 -21.14 8.02
CA ASN D 92 1.08 -20.19 7.12
C ASN D 92 2.10 -19.45 6.20
N ILE D 93 3.23 -19.04 6.78
CA ILE D 93 4.31 -18.44 6.01
C ILE D 93 4.81 -19.42 4.93
N ILE D 94 5.03 -20.68 5.30
CA ILE D 94 5.52 -21.66 4.34
C ILE D 94 4.53 -21.82 3.19
N LEU D 95 3.26 -21.98 3.52
CA LEU D 95 2.28 -22.23 2.49
C LEU D 95 2.12 -21.00 1.57
N ARG D 96 2.19 -19.81 2.14
CA ARG D 96 2.19 -18.58 1.36
C ARG D 96 3.36 -18.56 0.37
N GLU D 97 4.56 -18.90 0.80
CA GLU D 97 5.70 -18.98 -0.12
C GLU D 97 5.52 -20.02 -1.19
N LEU D 98 4.79 -21.11 -0.89
CA LEU D 98 4.49 -22.11 -1.92
C LEU D 98 3.30 -21.74 -2.79
N GLY D 99 2.60 -20.65 -2.52
CA GLY D 99 1.36 -20.34 -3.22
C GLY D 99 0.25 -21.34 -2.89
N GLN D 100 0.26 -21.91 -1.69
CA GLN D 100 -0.70 -22.97 -1.33
C GLN D 100 -1.46 -22.66 -0.03
N SER D 101 -1.75 -21.39 0.18
CA SER D 101 -2.47 -20.97 1.36
C SER D 101 -3.92 -21.47 1.41
N TYR D 102 -4.40 -22.09 0.31
CA TYR D 102 -5.78 -22.57 0.17
C TYR D 102 -5.95 -24.06 0.61
N ILE D 103 -4.86 -24.78 0.90
CA ILE D 103 -4.99 -26.19 1.21
C ILE D 103 -5.58 -26.43 2.59
N SER D 104 -6.08 -27.63 2.77
CA SER D 104 -6.68 -28.05 4.02
C SER D 104 -5.65 -28.06 5.14
N VAL D 105 -5.99 -27.42 6.27
CA VAL D 105 -5.10 -27.40 7.41
C VAL D 105 -5.86 -27.90 8.62
N LYS D 106 -5.26 -28.81 9.39
CA LYS D 106 -5.88 -29.34 10.60
C LYS D 106 -4.97 -29.14 11.77
N LYS D 107 -5.53 -28.74 12.91
CA LYS D 107 -4.72 -28.45 14.10
C LYS D 107 -5.17 -29.29 15.25
N THR D 108 -4.22 -29.67 16.08
CA THR D 108 -4.52 -30.51 17.21
C THR D 108 -3.58 -30.26 18.37
N TRP D 109 -4.11 -30.40 19.57
CA TRP D 109 -3.29 -30.28 20.74
C TRP D 109 -2.24 -31.33 20.75
N ARG D 110 -2.50 -32.47 20.10
CA ARG D 110 -1.62 -33.59 20.18
C ARG D 110 -0.27 -33.31 19.52
N LEU D 111 -0.18 -32.26 18.71
CA LEU D 111 1.11 -31.85 18.17
C LEU D 111 1.75 -30.70 18.98
N ASN D 112 1.14 -30.31 20.10
CA ASN D 112 1.75 -29.28 20.92
C ASN D 112 3.14 -29.70 21.37
N GLU D 113 4.00 -28.69 21.57
CA GLU D 113 5.22 -28.84 22.32
C GLU D 113 4.95 -29.60 23.63
N ARG D 114 5.99 -30.27 24.12
CA ARG D 114 5.95 -30.84 25.46
C ARG D 114 5.58 -29.80 26.53
N HIS D 115 4.71 -30.19 27.45
CA HIS D 115 4.35 -29.32 28.58
C HIS D 115 5.48 -29.33 29.61
N TYR D 116 5.95 -28.17 30.01
CA TYR D 116 7.08 -28.08 30.96
C TYR D 116 6.62 -27.75 32.40
N GLY D 117 5.34 -27.96 32.69
CA GLY D 117 4.80 -27.75 34.01
C GLY D 117 5.09 -26.37 34.58
N ALA D 118 5.44 -26.35 35.87
CA ALA D 118 5.73 -25.09 36.57
C ALA D 118 7.01 -24.43 36.12
N LEU D 119 7.81 -25.08 35.27
CA LEU D 119 8.99 -24.41 34.68
C LEU D 119 8.61 -23.36 33.64
N GLN D 120 7.38 -23.42 33.10
CA GLN D 120 7.00 -22.51 32.00
C GLN D 120 7.08 -21.05 32.39
N GLY D 121 7.87 -20.29 31.64
CA GLY D 121 8.05 -18.86 31.93
C GLY D 121 9.34 -18.53 32.71
N LEU D 122 10.01 -19.55 33.23
CA LEU D 122 11.24 -19.37 33.98
C LEU D 122 12.50 -19.67 33.13
N ASN D 123 13.62 -19.03 33.48
CA ASN D 123 14.92 -19.41 32.92
C ASN D 123 15.57 -20.51 33.76
N LYS D 124 16.68 -21.02 33.27
CA LYS D 124 17.33 -22.18 33.84
C LYS D 124 17.83 -21.89 35.28
N SER D 125 18.30 -20.67 35.51
CA SER D 125 18.84 -20.32 36.83
C SER D 125 17.70 -20.12 37.84
N GLU D 126 16.59 -19.46 37.45
CA GLU D 126 15.40 -19.33 38.32
C GLU D 126 14.83 -20.71 38.67
N THR D 127 15.00 -21.65 37.76
CA THR D 127 14.52 -22.99 37.96
C THR D 127 15.40 -23.74 38.98
N ALA D 128 16.71 -23.69 38.77
CA ALA D 128 17.70 -24.21 39.73
C ALA D 128 17.45 -23.63 41.14
N ALA D 129 17.32 -22.31 41.24
CA ALA D 129 17.11 -21.65 42.55
C ALA D 129 15.84 -22.12 43.24
N LYS D 130 14.77 -22.29 42.47
CA LYS D 130 13.47 -22.63 43.04
C LYS D 130 13.35 -24.11 43.33
N TYR D 131 13.80 -24.95 42.42
CA TYR D 131 13.59 -26.41 42.57
C TYR D 131 14.86 -27.19 42.90
N GLY D 132 16.03 -26.54 42.83
CA GLY D 132 17.31 -27.14 43.20
C GLY D 132 18.04 -27.82 42.05
N GLU D 133 19.37 -27.84 42.13
CA GLU D 133 20.24 -28.38 41.07
C GLU D 133 19.98 -29.87 40.84
N ASP D 134 19.72 -30.61 41.92
CA ASP D 134 19.46 -32.05 41.85
C ASP D 134 18.19 -32.40 41.01
N LYS D 135 17.06 -31.74 41.32
CA LYS D 135 15.78 -32.02 40.68
C LYS D 135 15.85 -31.55 39.21
N VAL D 136 16.40 -30.37 38.97
CA VAL D 136 16.59 -29.91 37.60
C VAL D 136 17.45 -30.87 36.75
N LEU D 137 18.46 -31.50 37.35
CA LEU D 137 19.32 -32.45 36.63
C LEU D 137 18.52 -33.72 36.27
N ILE D 138 17.73 -34.21 37.23
CA ILE D 138 16.89 -35.36 36.99
C ILE D 138 15.92 -35.05 35.85
N TRP D 139 15.27 -33.88 35.88
CA TRP D 139 14.25 -33.52 34.87
C TRP D 139 14.82 -33.42 33.50
N ARG D 140 15.99 -32.80 33.36
CA ARG D 140 16.65 -32.60 32.07
C ARG D 140 17.09 -33.91 31.40
N ARG D 141 17.49 -34.89 32.20
CA ARG D 141 18.06 -36.15 31.70
C ARG D 141 17.01 -37.24 31.55
N SER D 142 15.83 -37.00 32.10
CA SER D 142 14.87 -38.08 32.21
C SER D 142 14.01 -38.17 30.93
N TYR D 143 13.58 -39.38 30.65
CA TYR D 143 12.59 -39.63 29.66
C TYR D 143 11.23 -39.68 30.35
N ASP D 144 11.23 -40.15 31.59
CA ASP D 144 9.99 -40.53 32.24
C ASP D 144 9.69 -39.85 33.57
N VAL D 145 10.49 -38.87 33.97
CA VAL D 145 10.20 -38.13 35.23
C VAL D 145 9.80 -36.70 34.90
N PRO D 146 8.55 -36.33 35.16
CA PRO D 146 8.12 -35.01 34.72
C PRO D 146 8.55 -33.93 35.69
N PRO D 147 8.62 -32.67 35.23
CA PRO D 147 8.89 -31.63 36.19
C PRO D 147 7.68 -31.30 37.04
N SER D 149 4.52 -30.01 38.66
CA SER D 149 3.30 -29.71 37.93
C SER D 149 2.73 -28.34 38.26
N LEU D 150 1.96 -27.79 37.32
CA LEU D 150 1.15 -26.61 37.54
C LEU D 150 -0.07 -26.96 38.30
N ASP D 151 -0.42 -26.08 39.22
CA ASP D 151 -1.71 -26.15 39.88
C ASP D 151 -2.79 -25.63 38.94
N GLU D 152 -3.99 -26.13 39.13
CA GLU D 152 -5.12 -25.66 38.34
C GLU D 152 -5.45 -24.20 38.57
N SER D 153 -5.02 -23.67 39.70
CA SER D 153 -5.20 -22.26 40.08
C SER D 153 -4.17 -21.34 39.39
N ASP D 154 -3.16 -21.92 38.74
CA ASP D 154 -2.18 -21.10 38.07
C ASP D 154 -2.72 -20.59 36.71
N ASP D 155 -2.42 -19.33 36.36
CA ASP D 155 -2.92 -18.73 35.14
C ASP D 155 -2.40 -19.45 33.86
N ARG D 156 -1.31 -20.18 33.99
CA ARG D 156 -0.66 -20.87 32.90
C ARG D 156 -1.33 -22.21 32.58
N HIS D 157 -2.29 -22.65 33.40
CA HIS D 157 -2.81 -24.02 33.30
C HIS D 157 -3.70 -24.13 32.13
N PRO D 158 -3.53 -25.21 31.35
CA PRO D 158 -4.29 -25.31 30.12
C PRO D 158 -5.79 -25.24 30.29
N ILE D 159 -6.32 -25.64 31.44
CA ILE D 159 -7.78 -25.58 31.65
C ILE D 159 -8.34 -24.16 31.62
N LYS D 160 -7.51 -23.14 31.80
CA LYS D 160 -8.02 -21.77 31.75
C LYS D 160 -8.08 -21.23 30.33
N ASP D 161 -7.46 -21.91 29.37
CA ASP D 161 -7.45 -21.42 27.99
C ASP D 161 -8.61 -22.06 27.22
N PRO D 162 -9.56 -21.24 26.71
CA PRO D 162 -10.71 -21.76 26.00
C PRO D 162 -10.39 -22.54 24.71
N ARG D 163 -9.18 -22.41 24.17
CA ARG D 163 -8.85 -23.24 22.99
C ARG D 163 -8.82 -24.77 23.30
N TYR D 164 -8.69 -25.15 24.58
CA TYR D 164 -8.68 -26.54 25.01
C TYR D 164 -9.97 -27.05 25.62
N LYS D 165 -11.06 -26.30 25.50
CA LYS D 165 -12.27 -26.66 26.22
C LYS D 165 -12.94 -27.94 25.68
N HIS D 166 -12.56 -28.38 24.48
CA HIS D 166 -13.13 -29.58 23.88
C HIS D 166 -12.44 -30.86 24.36
N ILE D 167 -11.43 -30.73 25.20
CA ILE D 167 -10.64 -31.83 25.69
C ILE D 167 -10.94 -32.13 27.17
N PRO D 168 -11.26 -33.37 27.51
CA PRO D 168 -11.55 -33.60 28.93
C PRO D 168 -10.41 -33.15 29.82
N LYS D 169 -10.77 -32.45 30.89
CA LYS D 169 -9.81 -31.82 31.78
C LYS D 169 -8.78 -32.82 32.28
N ARG D 170 -9.23 -34.04 32.58
CA ARG D 170 -8.32 -35.06 33.06
C ARG D 170 -7.15 -35.36 32.07
N GLU D 171 -7.38 -35.16 30.77
CA GLU D 171 -6.32 -35.42 29.78
C GLU D 171 -5.49 -34.18 29.45
N LEU D 172 -5.85 -33.02 29.93
CA LEU D 172 -4.97 -31.86 29.73
C LEU D 172 -3.82 -31.96 30.70
N PRO D 173 -2.59 -31.84 30.22
CA PRO D 173 -1.46 -31.96 31.13
C PRO D 173 -1.22 -30.76 32.05
N SER D 174 -0.81 -31.04 33.28
CA SER D 174 -0.27 -30.06 34.23
C SER D 174 1.25 -30.04 34.14
N THR D 175 1.81 -31.06 33.50
CA THR D 175 3.23 -31.22 33.28
C THR D 175 3.37 -32.41 32.36
N GLU D 176 4.50 -32.58 31.71
CA GLU D 176 4.76 -33.78 30.91
C GLU D 176 6.23 -34.17 31.02
N CYS D 177 6.51 -35.47 31.04
CA CYS D 177 7.85 -35.95 30.68
C CYS D 177 7.77 -36.31 29.19
N LEU D 178 8.89 -36.59 28.55
CA LEU D 178 8.91 -36.84 27.12
C LEU D 178 8.08 -38.09 26.81
N LYS D 179 8.08 -39.02 27.73
CA LYS D 179 7.27 -40.20 27.59
C LYS D 179 5.79 -39.87 27.45
N ASP D 180 5.31 -38.95 28.27
CA ASP D 180 3.92 -38.49 28.18
C ASP D 180 3.67 -37.85 26.80
N THR D 181 4.60 -37.02 26.34
CA THR D 181 4.44 -36.35 25.07
C THR D 181 4.31 -37.37 23.98
N VAL D 182 5.20 -38.37 23.94
CA VAL D 182 5.17 -39.40 22.90
C VAL D 182 3.83 -40.11 22.95
N ALA D 183 3.35 -40.43 24.16
CA ALA D 183 2.13 -41.21 24.28
C ALA D 183 0.86 -40.45 23.75
N ARG D 184 0.90 -39.11 23.71
CA ARG D 184 -0.22 -38.36 23.16
C ARG D 184 -0.02 -37.84 21.74
N VAL D 185 1.21 -37.86 21.24
CA VAL D 185 1.44 -37.57 19.82
C VAL D 185 1.05 -38.75 18.90
N ILE D 186 1.48 -39.97 19.26
CA ILE D 186 1.38 -41.08 18.31
C ILE D 186 -0.06 -41.39 17.86
N PRO D 187 -1.05 -41.31 18.78
CA PRO D 187 -2.39 -41.52 18.30
C PRO D 187 -2.82 -40.60 17.15
N TYR D 188 -2.31 -39.39 17.12
CA TYR D 188 -2.65 -38.49 16.02
C TYR D 188 -1.99 -38.92 14.72
N TRP D 189 -0.78 -39.49 14.83
CA TRP D 189 -0.13 -40.10 13.69
C TRP D 189 -1.00 -41.21 13.20
N THR D 190 -1.44 -42.06 14.11
CA THR D 190 -2.20 -43.23 13.70
C THR D 190 -3.53 -42.87 13.07
N ASP D 191 -4.28 -41.95 13.68
CA ASP D 191 -5.67 -41.68 13.27
C ASP D 191 -5.81 -40.67 12.15
N GLU D 192 -4.84 -39.75 12.01
CA GLU D 192 -4.99 -38.64 11.07
C GLU D 192 -3.83 -38.55 10.06
N ILE D 193 -2.61 -38.40 10.55
CA ILE D 193 -1.51 -38.14 9.63
C ILE D 193 -1.30 -39.34 8.71
N ALA D 194 -1.16 -40.54 9.29
CA ALA D 194 -0.95 -41.76 8.49
C ALA D 194 -2.13 -42.02 7.56
N LYS D 195 -3.35 -41.75 8.03
CA LYS D 195 -4.53 -41.99 7.20
C LYS D 195 -4.40 -41.20 5.90
N GLU D 196 -3.98 -39.94 5.99
CA GLU D 196 -3.88 -39.09 4.81
C GLU D 196 -2.75 -39.55 3.92
N VAL D 197 -1.61 -39.93 4.53
CA VAL D 197 -0.49 -40.41 3.73
C VAL D 197 -0.92 -41.65 2.95
N LEU D 198 -1.63 -42.56 3.61
CA LEU D 198 -2.09 -43.79 2.97
C LEU D 198 -3.12 -43.51 1.86
N GLU D 199 -3.80 -42.37 1.90
CA GLU D 199 -4.69 -42.01 0.78
C GLU D 199 -3.94 -41.36 -0.37
N GLY D 200 -2.62 -41.27 -0.28
CA GLY D 200 -1.83 -40.64 -1.31
C GLY D 200 -1.71 -39.10 -1.24
N LYS D 201 -2.17 -38.47 -0.15
CA LYS D 201 -2.00 -37.04 0.00
C LYS D 201 -0.58 -36.69 0.42
N LYS D 202 -0.11 -35.55 -0.08
CA LYS D 202 1.17 -35.08 0.29
C LYS D 202 0.99 -34.23 1.54
N VAL D 203 1.64 -34.69 2.63
CA VAL D 203 1.45 -34.13 3.93
C VAL D 203 2.67 -33.34 4.38
N ILE D 204 2.39 -32.18 4.97
CA ILE D 204 3.37 -31.46 5.79
C ILE D 204 2.86 -31.30 7.24
N VAL D 205 3.76 -31.47 8.21
CA VAL D 205 3.47 -31.32 9.59
C VAL D 205 4.39 -30.20 10.13
N ALA D 206 3.80 -29.13 10.66
CA ALA D 206 4.56 -28.04 11.23
C ALA D 206 4.32 -28.05 12.74
N ALA D 207 5.33 -28.38 13.53
CA ALA D 207 5.09 -28.58 14.95
C ALA D 207 6.33 -28.16 15.73
N HIS D 208 6.70 -28.91 16.77
CA HIS D 208 7.62 -28.41 17.77
C HIS D 208 8.65 -29.44 18.08
N GLY D 209 9.70 -29.01 18.77
CA GLY D 209 10.85 -29.87 19.02
C GLY D 209 10.49 -31.24 19.55
N ASN D 210 9.77 -31.29 20.66
CA ASN D 210 9.48 -32.55 21.28
C ASN D 210 8.38 -33.37 20.63
N SER D 211 7.42 -32.70 19.97
CA SER D 211 6.40 -33.45 19.25
C SER D 211 7.01 -34.09 18.00
N LEU D 212 7.95 -33.41 17.36
CA LEU D 212 8.66 -34.00 16.23
C LEU D 212 9.61 -35.09 16.70
N ARG D 213 10.23 -34.89 17.85
CA ARG D 213 11.06 -35.95 18.45
C ARG D 213 10.25 -37.22 18.63
N ALA D 214 9.00 -37.06 19.06
CA ALA D 214 8.12 -38.21 19.25
C ALA D 214 7.94 -38.95 17.94
N LEU D 215 7.69 -38.20 16.86
CA LEU D 215 7.51 -38.82 15.54
C LEU D 215 8.80 -39.47 15.01
N VAL D 216 9.94 -38.82 15.18
CA VAL D 216 11.19 -39.43 14.81
C VAL D 216 11.45 -40.70 15.63
N LYS D 217 11.21 -40.66 16.94
CA LYS D 217 11.42 -41.82 17.78
C LYS D 217 10.60 -42.99 17.26
N TYR D 218 9.33 -42.73 16.97
CA TYR D 218 8.45 -43.72 16.40
C TYR D 218 8.98 -44.26 15.07
N PHE D 219 9.25 -43.40 14.10
CA PHE D 219 9.67 -43.86 12.75
C PHE D 219 10.95 -44.71 12.76
N ASP D 220 11.95 -44.22 13.44
CA ASP D 220 13.27 -44.84 13.41
C ASP D 220 13.50 -45.73 14.62
N ASN D 221 12.46 -46.00 15.42
CA ASN D 221 12.57 -46.90 16.57
C ASN D 221 13.76 -46.54 17.47
N LEU D 222 13.87 -45.27 17.81
CA LEU D 222 14.98 -44.85 18.65
C LEU D 222 14.79 -45.31 20.07
N SER D 223 15.91 -45.48 20.73
CA SER D 223 15.95 -45.77 22.16
C SER D 223 15.64 -44.48 22.91
N GLU D 224 15.35 -44.59 24.20
CA GLU D 224 15.16 -43.41 25.05
C GLU D 224 16.43 -42.53 25.02
N GLU D 225 17.60 -43.17 25.11
CA GLU D 225 18.88 -42.47 25.01
C GLU D 225 18.99 -41.66 23.70
N ASP D 226 18.69 -42.27 22.58
CA ASP D 226 18.88 -41.56 21.33
C ASP D 226 17.89 -40.42 21.12
N VAL D 227 16.63 -40.60 21.56
CA VAL D 227 15.66 -39.51 21.38
C VAL D 227 16.02 -38.34 22.29
N LEU D 228 16.58 -38.62 23.45
CA LEU D 228 16.98 -37.54 24.36
C LEU D 228 18.14 -36.70 23.82
N LYS D 229 19.00 -37.27 22.97
CA LYS D 229 20.11 -36.48 22.39
C LYS D 229 19.80 -36.01 20.96
N LEU D 230 18.65 -36.38 20.43
CA LEU D 230 18.20 -35.84 19.15
C LEU D 230 17.95 -34.32 19.25
N ASN D 231 18.61 -33.56 18.39
CA ASN D 231 18.44 -32.11 18.26
C ASN D 231 17.91 -31.85 16.84
N ILE D 232 16.62 -31.58 16.73
CA ILE D 232 16.02 -31.29 15.42
C ILE D 232 16.21 -29.79 15.15
N PRO D 233 16.87 -29.45 14.03
CA PRO D 233 17.10 -28.05 13.72
C PRO D 233 15.82 -27.33 13.45
N THR D 234 15.74 -26.09 13.90
CA THR D 234 14.59 -25.23 13.66
C THR D 234 14.57 -24.78 12.19
N GLY D 235 13.37 -24.76 11.59
CA GLY D 235 13.18 -24.19 10.25
C GLY D 235 13.76 -24.91 9.06
N ILE D 236 14.19 -26.16 9.24
CA ILE D 236 14.72 -26.95 8.11
C ILE D 236 13.80 -28.13 7.85
N PRO D 237 13.23 -28.22 6.64
CA PRO D 237 12.33 -29.32 6.41
C PRO D 237 13.05 -30.66 6.49
N LEU D 238 12.38 -31.62 7.13
CA LEU D 238 12.87 -32.97 7.30
C LEU D 238 11.92 -33.84 6.46
N VAL D 239 12.47 -34.56 5.51
CA VAL D 239 11.71 -35.40 4.63
C VAL D 239 11.93 -36.87 4.95
N TYR D 240 10.83 -37.60 5.11
CA TYR D 240 10.86 -39.05 5.24
C TYR D 240 10.31 -39.67 3.98
N GLU D 241 11.03 -40.65 3.46
CA GLU D 241 10.53 -41.44 2.37
C GLU D 241 10.06 -42.71 3.01
N LEU D 242 8.84 -43.08 2.66
CA LEU D 242 8.16 -44.18 3.32
C LEU D 242 7.74 -45.20 2.28
N ASP D 243 7.72 -46.48 2.65
CA ASP D 243 7.21 -47.52 1.76
C ASP D 243 5.69 -47.64 1.84
N LYS D 244 5.14 -48.59 1.12
CA LYS D 244 3.69 -48.83 1.08
C LYS D 244 3.04 -49.03 2.45
N ASP D 245 3.81 -49.54 3.41
CA ASP D 245 3.32 -49.80 4.75
C ASP D 245 3.69 -48.70 5.75
N LEU D 246 4.27 -47.61 5.26
CA LEU D 246 4.75 -46.48 6.07
C LEU D 246 6.04 -46.72 6.87
N ASN D 247 6.78 -47.79 6.56
CA ASN D 247 8.12 -47.95 7.14
C ASN D 247 9.05 -46.97 6.47
N PRO D 248 9.89 -46.31 7.25
CA PRO D 248 10.86 -45.40 6.65
C PRO D 248 11.90 -46.14 5.81
N ILE D 249 12.15 -45.62 4.61
CA ILE D 249 13.23 -46.06 3.73
C ILE D 249 14.46 -45.22 4.05
N LYS D 250 14.29 -43.90 4.03
CA LYS D 250 15.30 -42.97 4.52
C LYS D 250 14.69 -41.63 4.90
N HIS D 251 15.47 -40.79 5.54
CA HIS D 251 15.13 -39.41 5.72
C HIS D 251 16.29 -38.49 5.50
N TYR D 252 15.99 -37.22 5.26
CA TYR D 252 17.03 -36.22 5.07
C TYR D 252 16.47 -34.84 5.27
N TYR D 253 17.28 -33.94 5.79
CA TYR D 253 16.93 -32.52 5.81
C TYR D 253 17.21 -31.91 4.45
N LEU D 254 16.39 -30.95 4.03
CA LEU D 254 16.60 -30.25 2.76
C LEU D 254 17.61 -29.11 2.92
N GLY D 255 18.29 -28.78 1.82
CA GLY D 255 19.15 -27.61 1.78
C GLY D 255 20.60 -27.91 2.07
N ASP D 256 21.40 -26.86 2.25
CA ASP D 256 22.86 -26.95 2.35
C ASP D 256 23.31 -27.48 3.71
N GLU D 257 24.30 -28.38 3.71
CA GLU D 257 24.85 -29.00 4.93
C GLU D 257 25.28 -27.99 6.01
N SER D 258 25.77 -26.83 5.57
CA SER D 258 26.27 -25.80 6.48
C SER D 258 25.13 -25.06 7.20
N LYS D 259 24.06 -24.75 6.47
CA LYS D 259 22.86 -24.16 7.08
C LYS D 259 22.32 -25.12 8.16
N ILE D 260 22.31 -26.41 7.84
CA ILE D 260 21.82 -27.45 8.76
C ILE D 260 22.70 -27.57 10.00
N LYS D 261 24.03 -27.64 9.80
CA LYS D 261 25.01 -27.67 10.91
C LYS D 261 24.87 -26.47 11.84
N LYS D 262 24.77 -25.28 11.25
CA LYS D 262 24.55 -24.03 12.00
C LYS D 262 23.26 -24.07 12.84
N ALA D 263 22.16 -24.52 12.22
CA ALA D 263 20.87 -24.67 12.90
C ALA D 263 20.91 -25.76 14.02
N GLU D 265 23.70 -26.76 15.74
CA GLU D 265 24.51 -26.22 16.86
C GLU D 265 23.72 -25.26 17.77
N SER D 266 22.82 -24.45 17.19
CA SER D 266 21.96 -23.52 17.97
C SER D 266 20.89 -24.23 18.82
#